data_9HBY
#
_entry.id   9HBY
#
_cell.length_a   1.00
_cell.length_b   1.00
_cell.length_c   1.00
_cell.angle_alpha   90.00
_cell.angle_beta   90.00
_cell.angle_gamma   90.00
#
_symmetry.space_group_name_H-M   'P 1'
#
loop_
_entity.id
_entity.type
_entity.pdbx_description
1 polymer 'Tilapia Lake Virus nucleoprotein (segment 4)'
2 polymer '40-mer vRNA loop'
#
loop_
_entity_poly.entity_id
_entity_poly.type
_entity_poly.pdbx_seq_one_letter_code
_entity_poly.pdbx_strand_id
1 'polypeptide(L)'
;MVRTTKTSMAAASTVAPEVAMDEGSPSTSQAQVELPRNLEVFNEACGHVFGSSFNREDNSVISDAAAFLFKMHTHSLDGQ
EAKVLRASEKKRERENAKKSRKAPEAGMRVGRSLILTSRWTEYCATCVPALGSKMKVIKASGDAAMIQMMKDHNSLLRVC
VRIEVWKARYVSLVALDERIQTLEDAQWFPYLSGDSYRACPGLVGGYFAKKAAAGERGKNYKKLNQTAIIPPPRFLIIGH
RLQIGDQVTLRELLASIAWGLCDGVLAECWSPSQGDGSIGVVVGLPLQATGSCFLVVASHGLSAIADSRIEGTGNTNLLE
ECIAIQKQDGVIKCKRSGKSLYHCLKETAGAVGR
;
A,C,D,E
2 'polyribonucleotide'
;(P5P)(Y5P)(P5P)(P5P)(P5P)(P5P)(P5P)(Y5P)(Y5P)(P5P)(P5P)(Y5P)GCAAAUCUUUCUCACGUCCU
GACUUGUGAGUAAAAUUUGG
;
M,N,O
#
# COMPACT_ATOMS: atom_id res chain seq x y z
N GLU A 34 -53.07 23.56 -8.08
CA GLU A 34 -53.68 22.80 -6.99
C GLU A 34 -52.70 21.75 -6.47
N LEU A 35 -51.43 22.14 -6.33
CA LEU A 35 -50.42 21.21 -5.87
C LEU A 35 -50.61 20.87 -4.40
N PRO A 36 -50.10 19.72 -3.96
CA PRO A 36 -50.16 19.40 -2.53
C PRO A 36 -49.38 20.41 -1.70
N ARG A 37 -49.80 20.59 -0.45
CA ARG A 37 -49.09 21.50 0.44
C ARG A 37 -47.62 21.13 0.57
N ASN A 38 -47.30 19.84 0.42
CA ASN A 38 -45.91 19.40 0.52
C ASN A 38 -45.03 20.17 -0.45
N LEU A 39 -45.41 20.20 -1.73
CA LEU A 39 -44.62 20.91 -2.73
C LEU A 39 -44.84 22.42 -2.66
N GLU A 40 -46.02 22.85 -2.22
CA GLU A 40 -46.30 24.28 -2.11
C GLU A 40 -45.36 24.93 -1.10
N VAL A 41 -45.13 24.27 0.03
CA VAL A 41 -44.23 24.82 1.04
C VAL A 41 -42.81 24.93 0.47
N PHE A 42 -42.37 23.91 -0.25
CA PHE A 42 -41.02 23.95 -0.82
C PHE A 42 -40.89 25.08 -1.84
N ASN A 43 -41.90 25.24 -2.69
CA ASN A 43 -41.86 26.33 -3.67
C ASN A 43 -41.83 27.69 -2.98
N GLU A 44 -42.66 27.86 -1.95
CA GLU A 44 -42.68 29.14 -1.24
C GLU A 44 -41.34 29.42 -0.59
N ALA A 45 -40.75 28.42 0.06
CA ALA A 45 -39.45 28.62 0.71
C ALA A 45 -38.37 28.94 -0.32
N CYS A 46 -38.36 28.22 -1.45
CA CYS A 46 -37.37 28.50 -2.47
C CYS A 46 -37.51 29.91 -3.01
N GLY A 47 -38.75 30.34 -3.28
CA GLY A 47 -38.96 31.69 -3.77
C GLY A 47 -38.53 32.75 -2.77
N HIS A 48 -38.86 32.53 -1.49
CA HIS A 48 -38.54 33.53 -0.47
C HIS A 48 -37.03 33.59 -0.22
N VAL A 49 -36.31 32.48 -0.36
CA VAL A 49 -34.89 32.46 -0.05
C VAL A 49 -34.00 32.78 -1.25
N PHE A 50 -34.48 32.56 -2.47
CA PHE A 50 -33.69 32.81 -3.66
C PHE A 50 -34.31 33.81 -4.61
N GLY A 51 -35.55 34.25 -4.36
CA GLY A 51 -36.17 35.21 -5.25
C GLY A 51 -36.33 34.63 -6.65
N SER A 52 -35.95 35.43 -7.65
CA SER A 52 -36.05 35.02 -9.05
C SER A 52 -34.82 34.29 -9.55
N SER A 53 -33.76 34.18 -8.75
CA SER A 53 -32.57 33.48 -9.18
C SER A 53 -32.77 31.96 -9.19
N PHE A 54 -33.83 31.46 -8.57
CA PHE A 54 -34.10 30.03 -8.51
C PHE A 54 -34.85 29.61 -9.77
N ASN A 55 -34.19 28.81 -10.61
CA ASN A 55 -34.79 28.33 -11.85
C ASN A 55 -35.46 26.99 -11.59
N ARG A 56 -36.77 26.91 -11.84
CA ARG A 56 -37.56 25.73 -11.55
C ARG A 56 -37.55 24.71 -12.68
N GLU A 57 -36.53 24.75 -13.54
CA GLU A 57 -36.42 23.81 -14.65
C GLU A 57 -35.09 23.09 -14.72
N ASP A 58 -34.08 23.49 -13.95
CA ASP A 58 -32.76 22.88 -13.98
C ASP A 58 -32.59 22.00 -12.75
N ASN A 59 -32.22 20.73 -12.97
CA ASN A 59 -32.11 19.79 -11.87
C ASN A 59 -31.02 20.20 -10.90
N SER A 60 -29.87 20.65 -11.41
CA SER A 60 -28.76 21.02 -10.53
C SER A 60 -29.12 22.21 -9.65
N VAL A 61 -29.79 23.22 -10.22
CA VAL A 61 -30.18 24.38 -9.45
C VAL A 61 -31.17 23.99 -8.35
N ILE A 62 -32.16 23.17 -8.70
CA ILE A 62 -33.14 22.73 -7.71
C ILE A 62 -32.46 21.94 -6.61
N SER A 63 -31.53 21.06 -6.98
CA SER A 63 -30.82 20.27 -5.98
C SER A 63 -30.03 21.16 -5.04
N ASP A 64 -29.33 22.16 -5.58
CA ASP A 64 -28.57 23.07 -4.73
C ASP A 64 -29.48 23.87 -3.80
N ALA A 65 -30.62 24.35 -4.32
CA ALA A 65 -31.56 25.09 -3.48
C ALA A 65 -32.12 24.20 -2.38
N ALA A 66 -32.46 22.95 -2.72
CA ALA A 66 -32.98 22.03 -1.72
C ALA A 66 -31.93 21.71 -0.66
N ALA A 67 -30.68 21.53 -1.08
CA ALA A 67 -29.62 21.27 -0.11
C ALA A 67 -29.43 22.46 0.83
N PHE A 68 -29.45 23.67 0.28
CA PHE A 68 -29.32 24.85 1.13
C PHE A 68 -30.48 24.96 2.10
N LEU A 69 -31.70 24.72 1.63
CA LEU A 69 -32.86 24.80 2.52
C LEU A 69 -32.80 23.72 3.60
N PHE A 70 -32.33 22.52 3.23
CA PHE A 70 -32.19 21.44 4.20
C PHE A 70 -31.17 21.81 5.28
N LYS A 71 -30.03 22.35 4.87
CA LYS A 71 -29.02 22.71 5.85
C LYS A 71 -29.43 23.95 6.65
N MET A 72 -30.34 24.77 6.13
CA MET A 72 -30.89 25.86 6.92
C MET A 72 -31.88 25.35 7.96
N HIS A 73 -32.74 24.42 7.57
CA HIS A 73 -33.77 23.92 8.46
C HIS A 73 -33.23 22.93 9.49
N THR A 74 -32.02 22.40 9.27
CA THR A 74 -31.35 21.55 10.25
C THR A 74 -30.45 22.35 11.18
N HIS A 75 -30.45 23.68 11.06
CA HIS A 75 -29.62 24.53 11.91
C HIS A 75 -28.13 24.19 11.72
N SER A 76 -27.69 24.21 10.47
CA SER A 76 -26.31 23.92 10.11
C SER A 76 -25.59 25.08 9.45
N LEU A 77 -26.29 26.14 9.08
CA LEU A 77 -25.64 27.29 8.45
C LEU A 77 -24.84 28.08 9.47
N ASP A 78 -23.90 28.88 8.97
CA ASP A 78 -23.10 29.73 9.84
C ASP A 78 -23.98 30.73 10.55
N GLY A 79 -23.71 30.92 11.84
CA GLY A 79 -24.47 31.86 12.65
C GLY A 79 -25.74 31.32 13.26
N GLN A 80 -26.10 30.07 12.96
CA GLN A 80 -27.29 29.47 13.52
C GLN A 80 -26.98 28.86 14.89
N GLU A 81 -28.03 28.41 15.57
CA GLU A 81 -27.89 27.90 16.93
C GLU A 81 -26.96 26.68 16.96
N ALA A 82 -26.26 26.49 18.06
CA ALA A 82 -25.23 25.46 18.19
C ALA A 82 -25.84 24.16 18.72
N LYS A 83 -25.30 23.04 18.25
CA LYS A 83 -25.74 21.71 18.68
C LYS A 83 -24.81 21.26 19.80
N VAL A 84 -25.16 21.63 21.02
CA VAL A 84 -24.28 21.40 22.17
C VAL A 84 -25.02 20.66 23.28
N LEU A 85 -26.04 19.88 22.92
CA LEU A 85 -26.74 19.10 23.92
C LEU A 85 -25.86 18.01 24.50
N ARG A 86 -25.19 17.24 23.64
CA ARG A 86 -24.29 16.18 24.08
C ARG A 86 -23.05 16.13 23.20
N ALA A 87 -22.61 17.28 22.69
CA ALA A 87 -21.47 17.31 21.79
C ALA A 87 -20.18 16.99 22.54
N SER A 88 -19.26 16.32 21.84
CA SER A 88 -17.94 16.05 22.38
C SER A 88 -17.06 17.30 22.24
N GLU A 89 -15.81 17.18 22.66
CA GLU A 89 -14.91 18.34 22.63
C GLU A 89 -14.78 18.89 21.21
N LYS A 90 -14.43 18.02 20.25
CA LYS A 90 -14.27 18.49 18.87
C LYS A 90 -15.59 18.99 18.30
N LYS A 91 -16.67 18.25 18.52
CA LYS A 91 -17.98 18.68 18.02
C LYS A 91 -18.42 19.98 18.69
N ARG A 92 -18.17 20.11 20.00
CA ARG A 92 -18.51 21.34 20.69
C ARG A 92 -17.75 22.52 20.10
N GLU A 93 -16.45 22.34 19.87
CA GLU A 93 -15.65 23.41 19.28
C GLU A 93 -16.14 23.77 17.88
N ARG A 94 -16.45 22.76 17.07
CA ARG A 94 -16.93 23.02 15.72
C ARG A 94 -18.25 23.78 15.73
N GLU A 95 -19.17 23.37 16.62
CA GLU A 95 -20.45 24.07 16.70
C GLU A 95 -20.27 25.50 17.19
N ASN A 96 -19.39 25.71 18.16
CA ASN A 96 -19.13 27.07 18.64
C ASN A 96 -18.55 27.93 17.52
N ALA A 97 -17.61 27.38 16.76
CA ALA A 97 -17.05 28.13 15.64
C ALA A 97 -18.11 28.46 14.61
N LYS A 98 -18.98 27.49 14.29
CA LYS A 98 -20.05 27.74 13.34
C LYS A 98 -20.98 28.85 13.84
N LYS A 99 -21.32 28.83 15.13
CA LYS A 99 -22.16 29.89 15.69
C LYS A 99 -21.47 31.24 15.59
N SER A 100 -20.18 31.29 15.90
CA SER A 100 -19.46 32.55 15.86
C SER A 100 -19.21 33.02 14.42
N ARG A 101 -19.13 32.09 13.47
CA ARG A 101 -18.85 32.46 12.10
C ARG A 101 -19.97 33.32 11.54
N LYS A 102 -19.60 34.28 10.68
CA LYS A 102 -20.57 35.18 10.09
C LYS A 102 -21.58 34.40 9.26
N ALA A 103 -22.86 34.73 9.42
CA ALA A 103 -23.90 34.05 8.67
C ALA A 103 -23.94 34.53 7.22
N PRO A 104 -24.52 33.74 6.32
CA PRO A 104 -24.64 34.19 4.93
C PRO A 104 -25.43 35.49 4.83
N GLU A 105 -25.04 36.33 3.88
CA GLU A 105 -25.68 37.62 3.66
C GLU A 105 -26.27 37.67 2.26
N ALA A 106 -27.20 38.60 2.06
CA ALA A 106 -27.85 38.74 0.77
C ALA A 106 -26.81 38.98 -0.33
N GLY A 107 -27.02 38.35 -1.47
CA GLY A 107 -26.10 38.44 -2.58
C GLY A 107 -25.04 37.35 -2.61
N MET A 108 -24.95 36.53 -1.56
CA MET A 108 -24.00 35.43 -1.56
C MET A 108 -24.38 34.39 -2.60
N ARG A 109 -23.36 33.78 -3.21
CA ARG A 109 -23.57 32.79 -4.26
C ARG A 109 -23.57 31.40 -3.63
N VAL A 110 -24.73 30.74 -3.66
CA VAL A 110 -24.85 29.37 -3.17
C VAL A 110 -25.04 28.45 -4.36
N GLY A 111 -23.95 27.89 -4.86
CA GLY A 111 -24.00 27.06 -6.04
C GLY A 111 -23.39 27.73 -7.25
N ARG A 112 -24.14 27.81 -8.35
CA ARG A 112 -23.64 28.39 -9.58
C ARG A 112 -24.60 29.45 -10.12
N SER A 113 -25.90 29.30 -9.85
CA SER A 113 -26.90 30.21 -10.40
C SER A 113 -27.93 30.63 -9.35
N LEU A 114 -27.61 30.53 -8.06
CA LEU A 114 -28.54 30.89 -7.00
C LEU A 114 -27.92 32.01 -6.17
N ILE A 115 -28.70 33.06 -5.92
CA ILE A 115 -28.27 34.21 -5.14
C ILE A 115 -29.29 34.45 -4.04
N LEU A 116 -28.81 34.57 -2.80
CA LEU A 116 -29.71 34.80 -1.68
C LEU A 116 -30.31 36.20 -1.75
N THR A 117 -31.44 36.36 -1.08
CA THR A 117 -32.15 37.63 -0.99
C THR A 117 -32.17 38.11 0.46
N SER A 118 -32.49 39.40 0.62
CA SER A 118 -32.57 39.97 1.96
C SER A 118 -33.68 39.34 2.78
N ARG A 119 -34.69 38.74 2.14
CA ARG A 119 -35.79 38.10 2.84
C ARG A 119 -35.39 36.78 3.49
N TRP A 120 -34.20 36.27 3.21
CA TRP A 120 -33.82 34.96 3.76
C TRP A 120 -33.76 34.99 5.27
N THR A 121 -33.30 36.11 5.85
CA THR A 121 -33.24 36.21 7.31
C THR A 121 -34.64 36.12 7.92
N GLU A 122 -35.60 36.85 7.35
CA GLU A 122 -36.96 36.80 7.87
C GLU A 122 -37.56 35.40 7.74
N TYR A 123 -37.34 34.75 6.60
CA TYR A 123 -37.86 33.39 6.42
C TYR A 123 -37.23 32.43 7.42
N CYS A 124 -35.93 32.54 7.64
CA CYS A 124 -35.27 31.67 8.61
C CYS A 124 -35.81 31.92 10.01
N ALA A 125 -36.03 33.19 10.37
CA ALA A 125 -36.50 33.50 11.71
C ALA A 125 -37.95 33.06 11.93
N THR A 126 -38.78 33.11 10.88
CA THR A 126 -40.21 32.87 11.04
C THR A 126 -40.63 31.44 10.71
N CYS A 127 -39.95 30.78 9.78
CA CYS A 127 -40.36 29.44 9.35
C CYS A 127 -39.57 28.32 10.00
N VAL A 128 -38.26 28.49 10.18
CA VAL A 128 -37.43 27.44 10.75
C VAL A 128 -37.76 27.28 12.23
N PRO A 129 -38.20 26.11 12.69
CA PRO A 129 -38.42 25.93 14.12
C PRO A 129 -37.13 26.06 14.91
N ALA A 130 -37.25 26.55 16.13
CA ALA A 130 -36.09 26.70 17.00
C ALA A 130 -35.47 25.34 17.29
N LEU A 131 -34.15 25.33 17.44
CA LEU A 131 -33.43 24.09 17.64
C LEU A 131 -33.97 23.35 18.86
N GLY A 132 -34.13 22.03 18.71
CA GLY A 132 -34.65 21.21 19.77
C GLY A 132 -36.16 21.18 19.86
N SER A 133 -36.86 21.92 19.01
CA SER A 133 -38.32 21.91 19.04
C SER A 133 -38.85 20.51 18.72
N LYS A 134 -39.81 20.05 19.51
CA LYS A 134 -40.41 18.74 19.35
C LYS A 134 -41.89 18.90 19.03
N MET A 135 -42.36 18.13 18.04
CA MET A 135 -43.72 18.28 17.58
C MET A 135 -44.73 18.00 18.68
N LYS A 136 -44.40 17.12 19.63
CA LYS A 136 -45.33 16.81 20.71
C LYS A 136 -45.62 18.06 21.53
N VAL A 137 -44.58 18.83 21.87
CA VAL A 137 -44.78 20.04 22.66
C VAL A 137 -45.63 21.04 21.91
N ILE A 138 -45.36 21.21 20.60
CA ILE A 138 -46.13 22.15 19.80
C ILE A 138 -47.60 21.74 19.78
N LYS A 139 -47.86 20.45 19.57
CA LYS A 139 -49.23 19.97 19.55
C LYS A 139 -49.91 20.18 20.90
N ALA A 140 -49.19 19.92 21.99
CA ALA A 140 -49.77 20.11 23.32
C ALA A 140 -50.11 21.59 23.55
N SER A 141 -49.24 22.50 23.10
CA SER A 141 -49.50 23.92 23.29
C SER A 141 -50.82 24.33 22.65
N GLY A 142 -51.20 23.69 21.55
CA GLY A 142 -52.44 24.01 20.88
C GLY A 142 -52.40 25.17 19.94
N ASP A 143 -51.23 25.77 19.71
CA ASP A 143 -51.11 26.89 18.79
C ASP A 143 -51.19 26.38 17.34
N ALA A 144 -52.20 26.86 16.61
CA ALA A 144 -52.37 26.42 15.24
C ALA A 144 -51.20 26.85 14.36
N ALA A 145 -50.71 28.08 14.56
CA ALA A 145 -49.62 28.58 13.72
C ALA A 145 -48.36 27.74 13.92
N MET A 146 -48.01 27.44 15.16
CA MET A 146 -46.81 26.65 15.42
C MET A 146 -46.95 25.23 14.89
N ILE A 147 -48.14 24.64 15.02
CA ILE A 147 -48.36 23.30 14.49
C ILE A 147 -48.20 23.31 12.97
N GLN A 148 -48.78 24.31 12.31
CA GLN A 148 -48.62 24.42 10.86
C GLN A 148 -47.16 24.60 10.48
N MET A 149 -46.43 25.43 11.22
CA MET A 149 -45.02 25.64 10.93
C MET A 149 -44.23 24.35 11.06
N MET A 150 -44.48 23.59 12.12
CA MET A 150 -43.75 22.34 12.31
C MET A 150 -44.10 21.32 11.22
N LYS A 151 -45.38 21.22 10.85
CA LYS A 151 -45.76 20.30 9.78
C LYS A 151 -45.11 20.68 8.47
N ASP A 152 -45.10 21.98 8.15
CA ASP A 152 -44.45 22.44 6.93
C ASP A 152 -42.95 22.17 6.97
N HIS A 153 -42.33 22.35 8.14
CA HIS A 153 -40.91 22.07 8.28
C HIS A 153 -40.61 20.59 8.03
N ASN A 154 -41.44 19.70 8.60
CA ASN A 154 -41.23 18.27 8.38
C ASN A 154 -41.41 17.92 6.90
N SER A 155 -42.45 18.46 6.27
CA SER A 155 -42.65 18.19 4.84
C SER A 155 -41.48 18.69 4.01
N LEU A 156 -40.98 19.89 4.34
CA LEU A 156 -39.83 20.43 3.61
C LEU A 156 -38.61 19.56 3.80
N LEU A 157 -38.38 19.07 5.02
CA LEU A 157 -37.25 18.18 5.25
C LEU A 157 -37.37 16.92 4.41
N ARG A 158 -38.57 16.34 4.36
CA ARG A 158 -38.77 15.13 3.57
C ARG A 158 -38.50 15.38 2.09
N VAL A 159 -39.04 16.48 1.55
CA VAL A 159 -38.86 16.78 0.14
C VAL A 159 -37.39 17.05 -0.17
N CYS A 160 -36.73 17.81 0.70
CA CYS A 160 -35.32 18.13 0.47
C CYS A 160 -34.47 16.87 0.52
N VAL A 161 -34.79 15.94 1.42
CA VAL A 161 -34.00 14.72 1.49
C VAL A 161 -34.28 13.82 0.30
N ARG A 162 -35.51 13.81 -0.22
CA ARG A 162 -35.77 13.08 -1.46
C ARG A 162 -34.93 13.65 -2.60
N ILE A 163 -34.89 14.98 -2.70
CA ILE A 163 -34.08 15.61 -3.74
C ILE A 163 -32.61 15.29 -3.54
N GLU A 164 -32.15 15.29 -2.29
CA GLU A 164 -30.75 14.98 -2.00
C GLU A 164 -30.41 13.54 -2.39
N VAL A 165 -31.31 12.60 -2.11
CA VAL A 165 -31.09 11.22 -2.50
C VAL A 165 -31.01 11.10 -4.02
N TRP A 166 -31.92 11.77 -4.72
CA TRP A 166 -31.86 11.73 -6.17
C TRP A 166 -30.56 12.32 -6.69
N LYS A 167 -30.10 13.42 -6.08
CA LYS A 167 -28.85 14.03 -6.51
C LYS A 167 -27.66 13.12 -6.22
N ALA A 168 -27.69 12.40 -5.10
CA ALA A 168 -26.64 11.44 -4.81
C ALA A 168 -26.60 10.34 -5.84
N ARG A 169 -27.77 9.82 -6.22
CA ARG A 169 -27.81 8.82 -7.28
C ARG A 169 -27.26 9.38 -8.59
N TYR A 170 -27.65 10.61 -8.93
CA TYR A 170 -27.18 11.23 -10.15
C TYR A 170 -25.66 11.39 -10.14
N VAL A 171 -25.10 11.81 -9.01
CA VAL A 171 -23.65 11.97 -8.90
C VAL A 171 -22.96 10.62 -9.05
N SER A 172 -23.46 9.60 -8.37
CA SER A 172 -22.81 8.30 -8.39
C SER A 172 -22.87 7.64 -9.76
N LEU A 173 -23.71 8.14 -10.67
CA LEU A 173 -23.80 7.52 -11.99
C LEU A 173 -22.51 7.66 -12.78
N VAL A 174 -21.63 8.60 -12.41
CA VAL A 174 -20.40 8.84 -13.16
C VAL A 174 -19.19 8.91 -12.25
N ALA A 175 -19.40 9.03 -10.94
CA ALA A 175 -18.30 9.19 -9.99
C ALA A 175 -18.70 8.51 -8.68
N LEU A 176 -18.19 7.30 -8.46
CA LEU A 176 -18.59 6.53 -7.30
C LEU A 176 -17.91 7.03 -6.04
N ASP A 177 -18.46 6.65 -4.90
CA ASP A 177 -17.94 7.03 -3.60
C ASP A 177 -16.62 6.32 -3.31
N GLU A 178 -15.84 6.90 -2.39
CA GLU A 178 -14.57 6.30 -2.01
C GLU A 178 -14.79 5.11 -1.08
N ARG A 179 -15.80 5.17 -0.22
CA ARG A 179 -16.03 4.12 0.76
C ARG A 179 -16.60 2.85 0.13
N ILE A 180 -17.21 2.96 -1.06
CA ILE A 180 -17.82 1.80 -1.69
C ILE A 180 -16.72 0.97 -2.35
N GLN A 181 -16.39 -0.16 -1.73
CA GLN A 181 -15.38 -1.07 -2.24
C GLN A 181 -15.90 -2.48 -2.52
N THR A 182 -16.85 -2.96 -1.74
CA THR A 182 -17.41 -4.30 -1.90
C THR A 182 -18.93 -4.22 -1.79
N LEU A 183 -19.59 -5.33 -2.12
CA LEU A 183 -21.05 -5.36 -2.03
C LEU A 183 -21.51 -5.04 -0.62
N GLU A 184 -20.72 -5.40 0.39
CA GLU A 184 -21.06 -5.02 1.76
C GLU A 184 -21.14 -3.51 1.90
N ASP A 185 -20.19 -2.79 1.30
CA ASP A 185 -20.22 -1.33 1.35
C ASP A 185 -21.30 -0.77 0.44
N ALA A 186 -21.45 -1.34 -0.75
CA ALA A 186 -22.44 -0.83 -1.70
C ALA A 186 -23.87 -1.11 -1.25
N GLN A 187 -24.05 -1.97 -0.25
CA GLN A 187 -25.40 -2.27 0.23
C GLN A 187 -26.01 -1.14 1.04
N TRP A 188 -25.24 -0.10 1.38
CA TRP A 188 -25.71 0.98 2.23
C TRP A 188 -25.68 2.33 1.53
N PHE A 189 -25.61 2.35 0.21
CA PHE A 189 -25.72 3.60 -0.53
C PHE A 189 -27.17 4.08 -0.50
N PRO A 190 -27.41 5.40 -0.42
CA PRO A 190 -26.46 6.52 -0.31
C PRO A 190 -25.92 6.72 1.11
N TYR A 191 -24.72 7.27 1.21
CA TYR A 191 -24.07 7.52 2.51
C TYR A 191 -24.38 8.95 2.96
N LEU A 192 -25.65 9.17 3.28
CA LEU A 192 -26.11 10.48 3.69
C LEU A 192 -25.96 10.67 5.20
N SER A 193 -26.21 11.90 5.66
CA SER A 193 -25.98 12.28 7.03
C SER A 193 -27.13 11.78 7.93
N GLY A 194 -27.01 12.06 9.22
CA GLY A 194 -28.01 11.59 10.17
C GLY A 194 -29.37 12.22 9.96
N ASP A 195 -29.41 13.53 9.71
CA ASP A 195 -30.69 14.19 9.47
C ASP A 195 -31.34 13.65 8.21
N SER A 196 -30.55 13.35 7.18
CA SER A 196 -31.09 12.76 5.97
C SER A 196 -31.79 11.44 6.28
N TYR A 197 -31.13 10.57 7.05
CA TYR A 197 -31.75 9.31 7.42
C TYR A 197 -33.01 9.53 8.26
N ARG A 198 -32.96 10.51 9.16
CA ARG A 198 -34.13 10.78 10.00
C ARG A 198 -35.33 11.17 9.15
N ALA A 199 -35.11 12.01 8.14
CA ALA A 199 -36.24 12.48 7.34
C ALA A 199 -36.86 11.36 6.51
N CYS A 200 -36.02 10.60 5.81
CA CYS A 200 -36.47 9.54 4.90
C CYS A 200 -35.71 8.26 5.18
N PRO A 201 -36.04 7.56 6.27
CA PRO A 201 -35.34 6.30 6.56
C PRO A 201 -35.52 5.24 5.50
N GLY A 202 -36.64 5.26 4.77
CA GLY A 202 -36.85 4.25 3.74
C GLY A 202 -35.90 4.37 2.57
N LEU A 203 -35.58 5.59 2.16
CA LEU A 203 -34.72 5.83 1.01
C LEU A 203 -33.25 6.03 1.37
N VAL A 204 -32.98 6.63 2.52
CA VAL A 204 -31.61 6.99 2.88
C VAL A 204 -30.89 5.78 3.47
N GLY A 205 -29.59 5.71 3.21
CA GLY A 205 -28.77 4.64 3.73
C GLY A 205 -27.61 5.16 4.55
N GLY A 206 -26.44 4.54 4.41
CA GLY A 206 -25.25 5.05 5.06
C GLY A 206 -24.96 4.42 6.40
N TYR A 207 -24.38 5.20 7.32
CA TYR A 207 -24.01 4.66 8.62
C TYR A 207 -25.23 4.41 9.49
N PHE A 208 -26.17 5.35 9.53
CA PHE A 208 -27.32 5.20 10.41
C PHE A 208 -28.26 4.09 9.94
N ALA A 209 -28.40 3.92 8.62
CA ALA A 209 -29.16 2.79 8.13
C ALA A 209 -28.48 1.47 8.51
N LYS A 210 -27.15 1.44 8.45
CA LYS A 210 -26.42 0.26 8.91
C LYS A 210 -26.71 -0.02 10.38
N LYS A 211 -26.69 1.03 11.20
CA LYS A 211 -26.96 0.86 12.63
C LYS A 211 -28.37 0.34 12.86
N ALA A 212 -29.35 0.91 12.17
CA ALA A 212 -30.73 0.46 12.34
C ALA A 212 -30.89 -0.99 11.90
N ALA A 213 -30.29 -1.36 10.76
CA ALA A 213 -30.37 -2.74 10.30
C ALA A 213 -29.61 -3.67 11.22
N ALA A 214 -28.40 -3.26 11.64
CA ALA A 214 -27.60 -4.06 12.56
C ALA A 214 -27.98 -3.70 14.00
N GLY A 215 -29.22 -4.04 14.34
CA GLY A 215 -29.73 -3.76 15.67
C GLY A 215 -31.17 -4.17 15.77
N GLU A 216 -31.74 -3.91 16.94
CA GLU A 216 -33.14 -4.26 17.18
C GLU A 216 -34.04 -3.47 16.24
N ARG A 217 -35.11 -4.11 15.77
CA ARG A 217 -36.03 -3.52 14.82
C ARG A 217 -37.41 -3.45 15.44
N GLY A 218 -37.99 -2.25 15.49
CA GLY A 218 -39.32 -2.05 16.00
C GLY A 218 -40.39 -2.30 14.94
N LYS A 219 -41.64 -2.11 15.34
CA LYS A 219 -42.74 -2.30 14.40
C LYS A 219 -42.66 -1.31 13.25
N ASN A 220 -42.35 -0.04 13.54
CA ASN A 220 -42.23 0.98 12.51
C ASN A 220 -40.78 1.01 12.04
N TYR A 221 -40.40 -0.03 11.29
CA TYR A 221 -39.07 -0.17 10.74
C TYR A 221 -39.18 -0.24 9.22
N LYS A 222 -38.38 0.57 8.54
CA LYS A 222 -38.45 0.68 7.08
C LYS A 222 -37.16 0.17 6.46
N LYS A 223 -37.31 -0.63 5.41
CA LYS A 223 -36.18 -1.26 4.73
C LYS A 223 -35.64 -0.32 3.66
N LEU A 224 -34.32 -0.20 3.61
CA LEU A 224 -33.67 0.69 2.65
C LEU A 224 -33.95 0.22 1.23
N ASN A 225 -34.69 1.01 0.48
CA ASN A 225 -34.99 0.73 -0.93
C ASN A 225 -34.05 1.58 -1.78
N GLN A 226 -32.91 1.00 -2.16
CA GLN A 226 -31.93 1.72 -2.96
C GLN A 226 -32.44 2.08 -4.34
N THR A 227 -33.53 1.47 -4.80
CA THR A 227 -34.04 1.69 -6.15
C THR A 227 -35.48 2.19 -6.15
N ALA A 228 -35.93 2.82 -5.06
CA ALA A 228 -37.25 3.42 -5.04
C ALA A 228 -37.33 4.52 -6.08
N ILE A 229 -38.47 4.60 -6.77
CA ILE A 229 -38.62 5.57 -7.85
C ILE A 229 -38.73 6.96 -7.25
N ILE A 230 -37.85 7.85 -7.66
CA ILE A 230 -37.88 9.27 -7.26
C ILE A 230 -37.86 10.11 -8.52
N PRO A 231 -38.92 10.83 -8.85
CA PRO A 231 -38.89 11.64 -10.07
C PRO A 231 -37.85 12.73 -9.96
N PRO A 232 -37.30 13.18 -11.08
CA PRO A 232 -36.29 14.23 -11.02
C PRO A 232 -36.84 15.46 -10.32
N PRO A 233 -35.99 16.22 -9.64
CA PRO A 233 -36.51 17.37 -8.87
C PRO A 233 -37.37 18.31 -9.69
N ARG A 234 -37.02 18.56 -10.96
CA ARG A 234 -37.85 19.41 -11.79
C ARG A 234 -39.26 18.85 -11.91
N PHE A 235 -39.41 17.53 -11.83
CA PHE A 235 -40.72 16.91 -11.77
C PHE A 235 -41.28 16.86 -10.35
N LEU A 236 -40.41 16.69 -9.34
CA LEU A 236 -40.88 16.56 -7.97
C LEU A 236 -41.53 17.85 -7.49
N ILE A 237 -40.88 18.99 -7.72
CA ILE A 237 -41.37 20.26 -7.18
C ILE A 237 -42.67 20.72 -7.85
N ILE A 238 -43.07 20.09 -8.95
CA ILE A 238 -44.33 20.40 -9.61
C ILE A 238 -45.35 19.31 -9.45
N GLY A 239 -45.02 18.22 -8.76
CA GLY A 239 -45.97 17.15 -8.51
C GLY A 239 -46.17 16.20 -9.66
N HIS A 240 -45.46 16.37 -10.76
CA HIS A 240 -45.61 15.47 -11.89
C HIS A 240 -45.14 14.06 -11.52
N ARG A 241 -45.91 13.06 -11.91
CA ARG A 241 -45.55 11.67 -11.67
C ARG A 241 -44.74 11.16 -12.85
N LEU A 242 -43.54 10.67 -12.57
CA LEU A 242 -42.71 10.09 -13.63
C LEU A 242 -43.45 8.93 -14.29
N GLN A 243 -43.61 9.01 -15.60
CA GLN A 243 -44.43 8.04 -16.32
C GLN A 243 -43.95 7.95 -17.76
N ILE A 244 -44.50 6.98 -18.48
CA ILE A 244 -44.13 6.77 -19.88
C ILE A 244 -44.56 7.97 -20.70
N GLY A 245 -43.68 8.43 -21.58
CA GLY A 245 -44.00 9.48 -22.52
C GLY A 245 -43.54 10.87 -22.13
N ASP A 246 -42.72 11.02 -21.10
CA ASP A 246 -42.20 12.31 -20.69
C ASP A 246 -40.75 12.46 -21.14
N GLN A 247 -40.39 13.67 -21.56
CA GLN A 247 -39.06 13.93 -22.07
C GLN A 247 -38.07 14.06 -20.91
N VAL A 248 -37.05 13.20 -20.90
CA VAL A 248 -36.02 13.20 -19.87
C VAL A 248 -34.72 12.73 -20.50
N THR A 249 -33.61 12.93 -19.78
CA THR A 249 -32.30 12.49 -20.21
C THR A 249 -32.03 11.08 -19.69
N LEU A 250 -31.08 10.40 -20.35
CA LEU A 250 -30.72 9.06 -19.92
C LEU A 250 -30.22 9.06 -18.48
N ARG A 251 -29.33 10.01 -18.15
CA ARG A 251 -28.84 10.10 -16.78
C ARG A 251 -29.99 10.43 -15.82
N GLU A 252 -30.94 11.26 -16.26
CA GLU A 252 -32.08 11.59 -15.42
C GLU A 252 -32.86 10.33 -15.04
N LEU A 253 -33.23 9.53 -16.04
CA LEU A 253 -34.00 8.32 -15.76
C LEU A 253 -33.20 7.32 -14.94
N LEU A 254 -31.91 7.15 -15.27
CA LEU A 254 -31.09 6.20 -14.54
C LEU A 254 -30.94 6.59 -13.07
N ALA A 255 -30.81 7.89 -12.79
CA ALA A 255 -30.75 8.34 -11.41
C ALA A 255 -32.11 8.30 -10.74
N SER A 256 -33.20 8.36 -11.52
CA SER A 256 -34.52 8.26 -10.92
C SER A 256 -34.83 6.84 -10.47
N ILE A 257 -34.52 5.85 -11.30
CA ILE A 257 -34.94 4.48 -11.03
C ILE A 257 -33.80 3.58 -10.55
N ALA A 258 -32.56 4.07 -10.50
CA ALA A 258 -31.45 3.25 -10.07
C ALA A 258 -30.30 4.18 -9.69
N TRP A 259 -29.12 3.60 -9.47
CA TRP A 259 -27.93 4.38 -9.15
C TRP A 259 -26.74 3.77 -9.88
N GLY A 260 -25.53 4.18 -9.47
CA GLY A 260 -24.35 3.89 -10.26
C GLY A 260 -24.08 2.40 -10.44
N LEU A 261 -24.22 1.63 -9.36
CA LEU A 261 -23.82 0.23 -9.37
C LEU A 261 -24.97 -0.73 -9.70
N CYS A 262 -26.14 -0.22 -10.06
CA CYS A 262 -27.20 -1.09 -10.53
C CYS A 262 -26.87 -1.61 -11.93
N ASP A 263 -27.57 -2.68 -12.32
CA ASP A 263 -27.30 -3.30 -13.59
C ASP A 263 -27.63 -2.36 -14.75
N GLY A 264 -26.93 -2.52 -15.86
CA GLY A 264 -27.09 -1.64 -17.00
C GLY A 264 -28.33 -1.90 -17.84
N VAL A 265 -29.02 -3.02 -17.62
CA VAL A 265 -30.22 -3.31 -18.41
C VAL A 265 -31.25 -2.20 -18.24
N LEU A 266 -31.21 -1.49 -17.10
CA LEU A 266 -32.16 -0.42 -16.86
C LEU A 266 -32.07 0.67 -17.93
N ALA A 267 -30.95 0.75 -18.65
CA ALA A 267 -30.84 1.74 -19.71
C ALA A 267 -31.91 1.53 -20.78
N GLU A 268 -32.48 0.33 -20.87
CA GLU A 268 -33.54 0.08 -21.84
C GLU A 268 -34.82 0.85 -21.54
N CYS A 269 -34.94 1.43 -20.34
CA CYS A 269 -36.12 2.20 -20.00
C CYS A 269 -36.15 3.57 -20.69
N TRP A 270 -35.07 3.97 -21.34
CA TRP A 270 -34.95 5.26 -22.01
C TRP A 270 -34.70 5.03 -23.49
N SER A 271 -35.36 5.84 -24.33
CA SER A 271 -35.23 5.71 -25.78
C SER A 271 -34.94 7.10 -26.35
N PRO A 272 -33.87 7.25 -27.14
CA PRO A 272 -33.59 8.57 -27.71
C PRO A 272 -34.68 9.01 -28.67
N SER A 273 -34.89 10.32 -28.74
CA SER A 273 -35.89 10.91 -29.62
C SER A 273 -35.25 11.22 -30.97
N GLN A 274 -35.98 11.95 -31.81
CA GLN A 274 -35.46 12.33 -33.12
C GLN A 274 -34.25 13.24 -32.95
N GLY A 275 -33.11 12.82 -33.49
CA GLY A 275 -31.88 13.57 -33.38
C GLY A 275 -31.18 13.44 -32.04
N ASP A 276 -31.68 12.61 -31.14
CA ASP A 276 -31.08 12.44 -29.83
C ASP A 276 -31.02 13.77 -29.09
N GLY A 277 -29.88 14.47 -29.17
CA GLY A 277 -29.75 15.74 -28.48
C GLY A 277 -29.69 15.64 -26.98
N SER A 278 -29.32 14.48 -26.44
CA SER A 278 -29.23 14.22 -25.02
C SER A 278 -30.58 14.24 -24.32
N ILE A 279 -31.67 14.27 -25.07
CA ILE A 279 -33.03 14.24 -24.51
C ILE A 279 -33.80 13.14 -25.22
N GLY A 280 -34.39 12.24 -24.44
CA GLY A 280 -35.19 11.16 -24.96
C GLY A 280 -36.50 11.03 -24.20
N VAL A 281 -37.09 9.84 -24.25
CA VAL A 281 -38.38 9.58 -23.66
C VAL A 281 -38.31 8.27 -22.88
N VAL A 282 -39.05 8.22 -21.78
CA VAL A 282 -39.17 7.00 -20.99
C VAL A 282 -40.14 6.06 -21.67
N VAL A 283 -39.70 4.83 -21.93
CA VAL A 283 -40.56 3.81 -22.53
C VAL A 283 -41.13 2.84 -21.51
N GLY A 284 -40.63 2.85 -20.28
CA GLY A 284 -41.17 1.99 -19.25
C GLY A 284 -40.45 2.24 -17.94
N LEU A 285 -40.98 1.60 -16.89
CA LEU A 285 -40.40 1.68 -15.56
C LEU A 285 -40.35 0.25 -15.02
N PRO A 286 -39.21 -0.22 -14.53
CA PRO A 286 -39.12 -1.61 -14.09
C PRO A 286 -40.05 -1.90 -12.93
N LEU A 287 -40.63 -3.09 -12.94
CA LEU A 287 -41.43 -3.54 -11.82
C LEU A 287 -40.53 -4.05 -10.69
N GLN A 288 -41.13 -4.28 -9.53
CA GLN A 288 -40.40 -4.79 -8.37
C GLN A 288 -39.29 -3.82 -7.96
N ALA A 289 -39.46 -2.54 -8.25
CA ALA A 289 -38.41 -1.56 -7.98
C ALA A 289 -38.18 -1.39 -6.49
N THR A 290 -39.26 -1.15 -5.73
CA THR A 290 -39.12 -0.77 -4.34
C THR A 290 -38.99 -1.95 -3.40
N GLY A 291 -39.53 -3.10 -3.75
CA GLY A 291 -39.52 -4.26 -2.86
C GLY A 291 -39.17 -5.52 -3.61
N SER A 292 -38.50 -6.43 -2.89
CA SER A 292 -38.13 -7.73 -3.43
C SER A 292 -37.79 -8.66 -2.29
N CYS A 293 -38.20 -9.93 -2.42
CA CYS A 293 -37.93 -10.93 -1.39
C CYS A 293 -37.95 -12.31 -2.05
N PHE A 294 -36.85 -13.03 -1.94
CA PHE A 294 -36.69 -14.36 -2.51
C PHE A 294 -36.29 -15.31 -1.39
N LEU A 295 -37.28 -15.88 -0.71
CA LEU A 295 -37.03 -16.80 0.39
C LEU A 295 -37.92 -18.03 0.27
N THR A 316 -24.26 -19.36 -16.41
CA THR A 316 -25.24 -19.18 -17.47
C THR A 316 -26.55 -18.63 -16.91
N ASN A 317 -27.11 -19.34 -15.94
CA ASN A 317 -28.40 -18.93 -15.38
C ASN A 317 -28.31 -17.57 -14.71
N LEU A 318 -27.19 -17.29 -14.04
CA LEU A 318 -27.04 -16.00 -13.36
C LEU A 318 -27.11 -14.85 -14.35
N LEU A 319 -26.42 -14.99 -15.49
CA LEU A 319 -26.48 -13.96 -16.53
C LEU A 319 -27.76 -14.05 -17.35
N GLU A 320 -28.54 -15.11 -17.21
CA GLU A 320 -29.80 -15.26 -17.93
C GLU A 320 -30.97 -14.66 -17.18
N GLU A 321 -30.73 -14.04 -16.02
CA GLU A 321 -31.80 -13.39 -15.28
C GLU A 321 -32.37 -12.22 -16.08
N CYS A 322 -33.65 -11.96 -15.89
CA CYS A 322 -34.35 -10.91 -16.61
C CYS A 322 -35.02 -9.96 -15.63
N ILE A 323 -35.33 -8.77 -16.10
CA ILE A 323 -36.04 -7.76 -15.34
C ILE A 323 -37.35 -7.44 -16.06
N ALA A 324 -38.41 -7.27 -15.29
CA ALA A 324 -39.71 -6.92 -15.83
C ALA A 324 -39.79 -5.42 -16.05
N ILE A 325 -40.26 -5.02 -17.23
CA ILE A 325 -40.44 -3.61 -17.59
C ILE A 325 -41.89 -3.43 -18.01
N GLN A 326 -42.52 -2.38 -17.48
CA GLN A 326 -43.90 -2.05 -17.83
C GLN A 326 -43.89 -1.08 -19.01
N LYS A 327 -44.41 -1.53 -20.14
CA LYS A 327 -44.51 -0.71 -21.34
C LYS A 327 -45.98 -0.38 -21.62
N GLN A 328 -46.19 0.55 -22.56
CA GLN A 328 -47.55 0.94 -22.91
C GLN A 328 -48.37 -0.27 -23.33
N ASP A 329 -47.78 -1.18 -24.10
CA ASP A 329 -48.52 -2.36 -24.53
C ASP A 329 -48.73 -3.33 -23.38
N GLY A 330 -47.69 -3.57 -22.58
CA GLY A 330 -47.82 -4.49 -21.47
C GLY A 330 -46.45 -4.80 -20.88
N VAL A 331 -46.46 -5.72 -19.91
CA VAL A 331 -45.24 -6.10 -19.23
C VAL A 331 -44.39 -6.98 -20.14
N ILE A 332 -43.08 -6.69 -20.19
CA ILE A 332 -42.14 -7.48 -20.96
C ILE A 332 -40.96 -7.83 -20.05
N LYS A 333 -40.21 -8.84 -20.46
CA LYS A 333 -39.02 -9.28 -19.73
C LYS A 333 -37.80 -9.00 -20.57
N CYS A 334 -36.83 -8.27 -20.00
CA CYS A 334 -35.61 -7.90 -20.70
C CYS A 334 -34.43 -8.56 -20.02
N LYS A 335 -33.58 -9.22 -20.80
CA LYS A 335 -32.42 -9.91 -20.24
C LYS A 335 -31.44 -8.91 -19.65
N ARG A 336 -30.83 -9.30 -18.53
CA ARG A 336 -29.86 -8.44 -17.88
C ARG A 336 -28.58 -8.34 -18.71
N SER A 337 -27.81 -7.28 -18.46
CA SER A 337 -26.57 -7.05 -19.19
C SER A 337 -25.35 -7.57 -18.43
N GLY A 338 -25.42 -7.64 -17.11
CA GLY A 338 -24.33 -8.16 -16.30
C GLY A 338 -23.30 -7.14 -15.87
N LYS A 339 -23.41 -5.89 -16.33
CA LYS A 339 -22.48 -4.83 -15.99
C LYS A 339 -23.21 -3.69 -15.30
N SER A 340 -22.54 -3.05 -14.35
CA SER A 340 -23.15 -1.95 -13.61
C SER A 340 -23.38 -0.75 -14.53
N LEU A 341 -24.35 0.08 -14.14
CA LEU A 341 -24.66 1.27 -14.92
C LEU A 341 -23.44 2.20 -15.00
N TYR A 342 -22.68 2.31 -13.92
CA TYR A 342 -21.49 3.15 -13.94
C TYR A 342 -20.50 2.66 -14.98
N HIS A 343 -20.19 1.36 -14.96
CA HIS A 343 -19.24 0.81 -15.93
C HIS A 343 -19.77 0.91 -17.35
N CYS A 344 -21.07 0.63 -17.55
CA CYS A 344 -21.64 0.71 -18.88
C CYS A 344 -21.58 2.13 -19.43
N LEU A 345 -21.91 3.12 -18.59
CA LEU A 345 -21.83 4.50 -19.04
C LEU A 345 -20.39 4.91 -19.34
N LYS A 346 -19.44 4.43 -18.53
CA LYS A 346 -18.04 4.71 -18.82
C LYS A 346 -17.62 4.11 -20.16
N GLU A 347 -18.06 2.87 -20.44
CA GLU A 347 -17.64 2.21 -21.67
C GLU A 347 -18.29 2.84 -22.89
N THR A 348 -19.55 3.28 -22.76
CA THR A 348 -20.26 3.88 -23.88
C THR A 348 -19.97 5.37 -24.05
N ALA A 349 -19.23 5.97 -23.12
CA ALA A 349 -18.92 7.40 -23.24
C ALA A 349 -18.08 7.69 -24.46
N GLY A 350 -17.32 6.72 -24.94
CA GLY A 350 -16.50 6.91 -26.12
C GLY A 350 -15.38 5.87 -26.23
N GLU B 34 6.15 31.69 -14.58
CA GLU B 34 4.74 31.81 -14.24
C GLU B 34 4.24 30.54 -13.58
N LEU B 35 5.10 29.91 -12.79
CA LEU B 35 4.74 28.67 -12.13
C LEU B 35 3.76 28.93 -10.99
N PRO B 36 3.00 27.92 -10.58
CA PRO B 36 2.16 28.07 -9.38
C PRO B 36 3.02 28.23 -8.13
N ARG B 37 2.42 28.84 -7.11
CA ARG B 37 3.13 29.01 -5.85
C ARG B 37 3.64 27.67 -5.32
N ASN B 38 2.92 26.58 -5.59
CA ASN B 38 3.34 25.27 -5.10
C ASN B 38 4.74 24.93 -5.57
N LEU B 39 4.99 25.03 -6.88
CA LEU B 39 6.30 24.71 -7.42
C LEU B 39 7.29 25.85 -7.21
N GLU B 40 6.82 27.10 -7.18
CA GLU B 40 7.73 28.21 -6.93
C GLU B 40 8.37 28.08 -5.55
N VAL B 41 7.58 27.71 -4.54
CA VAL B 41 8.12 27.55 -3.20
C VAL B 41 9.20 26.48 -3.19
N PHE B 42 8.93 25.35 -3.85
CA PHE B 42 9.90 24.27 -3.87
C PHE B 42 11.19 24.72 -4.56
N ASN B 43 11.07 25.42 -5.69
CA ASN B 43 12.27 25.87 -6.40
C ASN B 43 13.07 26.85 -5.55
N GLU B 44 12.40 27.81 -4.91
CA GLU B 44 13.11 28.76 -4.07
C GLU B 44 13.82 28.06 -2.93
N ALA B 45 13.14 27.11 -2.28
CA ALA B 45 13.74 26.39 -1.17
C ALA B 45 14.95 25.61 -1.63
N CYS B 46 14.82 24.88 -2.74
CA CYS B 46 15.93 24.09 -3.25
C CYS B 46 17.12 24.98 -3.57
N GLY B 47 16.87 26.11 -4.25
CA GLY B 47 17.96 27.01 -4.56
C GLY B 47 18.63 27.54 -3.31
N HIS B 48 17.83 28.03 -2.36
CA HIS B 48 18.40 28.63 -1.15
C HIS B 48 19.24 27.62 -0.38
N VAL B 49 18.78 26.36 -0.32
CA VAL B 49 19.48 25.38 0.49
C VAL B 49 20.66 24.73 -0.22
N PHE B 50 20.66 24.69 -1.55
CA PHE B 50 21.67 23.93 -2.28
C PHE B 50 22.51 24.75 -3.24
N GLY B 51 22.38 26.07 -3.26
CA GLY B 51 23.23 26.86 -4.13
C GLY B 51 23.11 26.45 -5.58
N SER B 52 24.24 26.46 -6.28
CA SER B 52 24.28 26.04 -7.67
C SER B 52 24.41 24.53 -7.84
N SER B 53 24.72 23.80 -6.76
CA SER B 53 24.91 22.35 -6.86
C SER B 53 23.62 21.62 -7.18
N PHE B 54 22.47 22.26 -7.04
CA PHE B 54 21.18 21.63 -7.29
C PHE B 54 20.91 21.63 -8.79
N ASN B 55 20.91 20.44 -9.39
CA ASN B 55 20.65 20.29 -10.82
C ASN B 55 19.18 19.97 -11.03
N ARG B 56 18.50 20.80 -11.83
CA ARG B 56 17.07 20.69 -12.05
C ARG B 56 16.72 19.83 -13.25
N GLU B 57 17.63 18.99 -13.72
CA GLU B 57 17.40 18.14 -14.87
C GLU B 57 17.57 16.66 -14.56
N ASP B 58 18.04 16.30 -13.37
CA ASP B 58 18.28 14.91 -13.00
C ASP B 58 17.21 14.46 -12.01
N ASN B 59 16.54 13.34 -12.32
CA ASN B 59 15.50 12.84 -11.44
C ASN B 59 16.06 12.43 -10.10
N SER B 60 17.23 11.77 -10.10
CA SER B 60 17.82 11.33 -8.84
C SER B 60 18.20 12.51 -7.96
N VAL B 61 18.79 13.55 -8.56
CA VAL B 61 19.19 14.72 -7.78
C VAL B 61 17.98 15.41 -7.19
N ILE B 62 16.92 15.57 -7.99
CA ILE B 62 15.72 16.23 -7.50
C ILE B 62 15.08 15.40 -6.40
N SER B 63 15.09 14.07 -6.55
CA SER B 63 14.53 13.21 -5.49
C SER B 63 15.33 13.33 -4.20
N ASP B 64 16.66 13.39 -4.30
CA ASP B 64 17.48 13.55 -3.11
C ASP B 64 17.24 14.90 -2.44
N ALA B 65 17.16 15.97 -3.23
CA ALA B 65 16.87 17.28 -2.66
C ALA B 65 15.49 17.32 -2.02
N ALA B 66 14.50 16.70 -2.66
CA ALA B 66 13.17 16.66 -2.08
C ALA B 66 13.15 15.88 -0.78
N ALA B 67 13.88 14.76 -0.72
CA ALA B 67 13.96 14.00 0.53
C ALA B 67 14.62 14.83 1.62
N PHE B 68 15.70 15.54 1.29
CA PHE B 68 16.37 16.36 2.29
C PHE B 68 15.45 17.47 2.79
N LEU B 69 14.74 18.13 1.88
CA LEU B 69 13.84 19.20 2.31
C LEU B 69 12.66 18.65 3.10
N PHE B 70 12.19 17.44 2.77
CA PHE B 70 11.11 16.83 3.53
C PHE B 70 11.56 16.50 4.94
N LYS B 71 12.80 16.01 5.09
CA LYS B 71 13.34 15.75 6.41
C LYS B 71 13.72 17.01 7.16
N MET B 72 13.95 18.12 6.45
CA MET B 72 14.24 19.38 7.13
C MET B 72 12.96 20.06 7.60
N HIS B 73 11.89 19.95 6.83
CA HIS B 73 10.61 20.58 7.19
C HIS B 73 9.78 19.72 8.13
N THR B 74 10.19 18.48 8.38
CA THR B 74 9.56 17.64 9.38
C THR B 74 10.35 17.58 10.67
N HIS B 75 11.37 18.43 10.82
CA HIS B 75 12.21 18.46 12.02
C HIS B 75 12.81 17.09 12.29
N SER B 76 13.42 16.50 11.27
CA SER B 76 14.08 15.22 11.37
C SER B 76 15.59 15.29 11.30
N LEU B 77 16.17 16.45 10.95
CA LEU B 77 17.61 16.57 10.86
C LEU B 77 18.23 16.70 12.25
N ASP B 78 19.52 16.42 12.32
CA ASP B 78 20.24 16.52 13.57
C ASP B 78 20.30 17.97 14.03
N GLY B 79 20.19 18.17 15.34
CA GLY B 79 20.22 19.51 15.92
C GLY B 79 18.89 20.22 15.94
N GLN B 80 17.84 19.63 15.39
CA GLN B 80 16.52 20.24 15.39
C GLN B 80 15.73 19.79 16.60
N GLU B 81 14.55 20.40 16.78
CA GLU B 81 13.73 20.12 17.95
C GLU B 81 13.48 18.63 18.09
N ALA B 82 13.20 18.21 19.33
CA ALA B 82 13.03 16.80 19.65
C ALA B 82 11.55 16.47 19.78
N LYS B 83 11.14 15.38 19.15
CA LYS B 83 9.74 14.94 19.14
C LYS B 83 9.48 14.17 20.42
N VAL B 84 9.13 14.88 21.49
CA VAL B 84 9.01 14.27 22.82
C VAL B 84 7.65 14.60 23.44
N LEU B 85 6.64 14.83 22.59
CA LEU B 85 5.31 15.14 23.13
C LEU B 85 4.73 13.93 23.86
N ARG B 86 4.76 12.75 23.21
CA ARG B 86 4.28 11.53 23.82
C ARG B 86 5.22 10.37 23.54
N ALA B 87 6.49 10.66 23.31
CA ALA B 87 7.46 9.64 22.97
C ALA B 87 7.64 8.65 24.11
N SER B 88 7.84 7.38 23.75
CA SER B 88 8.16 6.35 24.72
C SER B 88 9.60 6.51 25.18
N GLU B 89 10.06 5.58 26.01
CA GLU B 89 11.44 5.64 26.50
C GLU B 89 12.43 5.59 25.34
N LYS B 90 12.28 4.58 24.47
CA LYS B 90 13.21 4.43 23.35
C LYS B 90 13.11 5.61 22.39
N LYS B 91 11.87 6.01 22.05
CA LYS B 91 11.71 7.14 21.13
C LYS B 91 12.19 8.43 21.76
N ARG B 92 11.93 8.62 23.05
CA ARG B 92 12.44 9.81 23.73
C ARG B 92 13.95 9.85 23.69
N GLU B 93 14.61 8.72 23.96
CA GLU B 93 16.06 8.67 23.91
C GLU B 93 16.58 8.96 22.51
N ARG B 94 15.94 8.38 21.49
CA ARG B 94 16.36 8.61 20.12
C ARG B 94 16.23 10.09 19.75
N GLU B 95 15.12 10.71 20.11
CA GLU B 95 14.91 12.12 19.78
C GLU B 95 15.88 13.01 20.54
N ASN B 96 16.17 12.67 21.80
CA ASN B 96 17.16 13.44 22.55
C ASN B 96 18.54 13.32 21.92
N ALA B 97 18.91 12.13 21.49
CA ALA B 97 20.18 11.95 20.80
C ALA B 97 20.22 12.76 19.51
N LYS B 98 19.11 12.77 18.76
CA LYS B 98 19.04 13.57 17.54
C LYS B 98 19.22 15.06 17.86
N LYS B 99 18.55 15.54 18.90
CA LYS B 99 18.69 16.94 19.27
C LYS B 99 20.11 17.27 19.67
N SER B 100 20.76 16.39 20.44
CA SER B 100 22.13 16.64 20.87
C SER B 100 23.14 16.48 19.75
N ARG B 101 22.82 15.71 18.71
CA ARG B 101 23.76 15.48 17.62
C ARG B 101 24.05 16.77 16.87
N LYS B 102 25.28 16.88 16.38
CA LYS B 102 25.69 18.07 15.65
C LYS B 102 24.86 18.22 14.38
N ALA B 103 24.42 19.45 14.12
CA ALA B 103 23.61 19.73 12.94
C ALA B 103 24.49 19.78 11.70
N PRO B 104 23.91 19.56 10.51
CA PRO B 104 24.70 19.64 9.28
C PRO B 104 25.34 21.01 9.12
N GLU B 105 26.53 21.02 8.55
CA GLU B 105 27.31 22.23 8.35
C GLU B 105 27.45 22.50 6.86
N ALA B 106 27.68 23.77 6.52
CA ALA B 106 27.83 24.17 5.13
C ALA B 106 28.96 23.38 4.48
N GLY B 107 28.73 22.95 3.24
CA GLY B 107 29.67 22.11 2.53
C GLY B 107 29.43 20.63 2.68
N MET B 108 28.50 20.22 3.54
CA MET B 108 28.19 18.81 3.69
C MET B 108 27.63 18.24 2.39
N ARG B 109 27.92 16.97 2.15
CA ARG B 109 27.45 16.28 0.96
C ARG B 109 26.14 15.56 1.29
N VAL B 110 25.08 15.90 0.57
CA VAL B 110 23.76 15.32 0.78
C VAL B 110 23.41 14.57 -0.50
N GLY B 111 23.70 13.28 -0.53
CA GLY B 111 23.45 12.47 -1.71
C GLY B 111 24.70 12.24 -2.53
N ARG B 112 24.69 12.69 -3.78
CA ARG B 112 25.82 12.46 -4.67
C ARG B 112 26.27 13.77 -5.35
N SER B 113 25.34 14.68 -5.57
CA SER B 113 25.64 15.89 -6.33
C SER B 113 25.01 17.13 -5.72
N LEU B 114 24.74 17.10 -4.41
CA LEU B 114 24.16 18.23 -3.69
C LEU B 114 25.08 18.62 -2.55
N ILE B 115 25.37 19.90 -2.43
CA ILE B 115 26.22 20.44 -1.36
C ILE B 115 25.49 21.58 -0.69
N LEU B 116 25.37 21.51 0.63
CA LEU B 116 24.68 22.55 1.37
C LEU B 116 25.50 23.84 1.39
N THR B 117 24.80 24.97 1.35
CA THR B 117 25.43 26.28 1.38
C THR B 117 25.37 26.85 2.79
N SER B 118 26.04 28.00 2.99
CA SER B 118 26.01 28.64 4.29
C SER B 118 24.64 29.23 4.60
N ARG B 119 23.84 29.52 3.57
CA ARG B 119 22.53 30.11 3.79
C ARG B 119 21.52 29.10 4.31
N TRP B 120 21.85 27.80 4.30
CA TRP B 120 20.87 26.79 4.67
C TRP B 120 20.41 26.97 6.10
N THR B 121 21.32 27.40 6.99
CA THR B 121 20.94 27.61 8.38
C THR B 121 19.89 28.71 8.50
N GLU B 122 20.08 29.81 7.77
CA GLU B 122 19.09 30.90 7.80
C GLU B 122 17.75 30.43 7.26
N TYR B 123 17.78 29.68 6.15
CA TYR B 123 16.54 29.18 5.57
C TYR B 123 15.80 28.27 6.55
N CYS B 124 16.53 27.35 7.18
CA CYS B 124 15.89 26.46 8.15
C CYS B 124 15.34 27.23 9.33
N ALA B 125 16.05 28.26 9.79
CA ALA B 125 15.57 29.06 10.90
C ALA B 125 14.32 29.84 10.56
N THR B 126 14.23 30.40 9.35
CA THR B 126 13.15 31.30 8.99
C THR B 126 12.00 30.63 8.25
N CYS B 127 12.26 29.62 7.43
CA CYS B 127 11.22 29.05 6.58
C CYS B 127 10.59 27.77 7.14
N VAL B 128 11.20 27.15 8.14
CA VAL B 128 10.68 25.92 8.74
C VAL B 128 9.84 26.31 9.95
N PRO B 129 8.54 26.01 9.97
CA PRO B 129 7.74 26.37 11.15
C PRO B 129 8.24 25.67 12.40
N ALA B 130 8.10 26.35 13.53
CA ALA B 130 8.53 25.78 14.80
C ALA B 130 7.77 24.50 15.09
N LEU B 131 8.44 23.57 15.76
CA LEU B 131 7.87 22.24 16.00
C LEU B 131 6.52 22.36 16.68
N GLY B 132 5.56 21.58 16.18
CA GLY B 132 4.22 21.56 16.74
C GLY B 132 3.30 22.65 16.25
N SER B 133 3.77 23.54 15.38
CA SER B 133 2.93 24.62 14.89
C SER B 133 1.72 24.05 14.15
N LYS B 134 0.56 24.64 14.39
CA LYS B 134 -0.68 24.23 13.76
C LYS B 134 -1.26 25.41 12.97
N MET B 135 -1.79 25.11 11.79
CA MET B 135 -2.29 26.18 10.92
C MET B 135 -3.43 26.94 11.57
N LYS B 136 -4.21 26.29 12.43
CA LYS B 136 -5.33 26.96 13.09
C LYS B 136 -4.84 28.13 13.93
N VAL B 137 -3.81 27.91 14.74
CA VAL B 137 -3.30 28.98 15.61
C VAL B 137 -2.72 30.10 14.77
N ILE B 138 -2.01 29.76 13.69
CA ILE B 138 -1.43 30.78 12.83
C ILE B 138 -2.52 31.64 12.22
N LYS B 139 -3.57 31.01 11.70
CA LYS B 139 -4.67 31.77 11.12
C LYS B 139 -5.36 32.64 12.17
N ALA B 140 -5.56 32.10 13.37
CA ALA B 140 -6.20 32.88 14.42
C ALA B 140 -5.37 34.10 14.80
N SER B 141 -4.04 33.93 14.87
CA SER B 141 -3.19 35.06 15.23
C SER B 141 -3.35 36.22 14.25
N GLY B 142 -3.65 35.92 12.99
CA GLY B 142 -3.88 36.94 11.99
C GLY B 142 -2.64 37.50 11.33
N ASP B 143 -1.46 36.93 11.61
CA ASP B 143 -0.23 37.41 10.99
C ASP B 143 -0.13 36.92 9.56
N ALA B 144 -0.02 37.85 8.61
CA ALA B 144 0.06 37.47 7.21
C ALA B 144 1.34 36.69 6.91
N ALA B 145 2.47 37.14 7.47
CA ALA B 145 3.74 36.48 7.18
C ALA B 145 3.74 35.03 7.66
N MET B 146 3.26 34.81 8.88
CA MET B 146 3.23 33.45 9.41
C MET B 146 2.26 32.57 8.65
N ILE B 147 1.12 33.12 8.24
CA ILE B 147 0.15 32.35 7.46
C ILE B 147 0.78 31.94 6.12
N GLN B 148 1.46 32.88 5.46
CA GLN B 148 2.13 32.56 4.21
C GLN B 148 3.20 31.50 4.42
N MET B 149 3.96 31.62 5.52
CA MET B 149 5.00 30.63 5.79
C MET B 149 4.41 29.24 5.98
N MET B 150 3.30 29.15 6.72
CA MET B 150 2.69 27.84 6.94
C MET B 150 2.12 27.27 5.63
N LYS B 151 1.49 28.12 4.81
CA LYS B 151 1.00 27.64 3.53
C LYS B 151 2.13 27.13 2.66
N ASP B 152 3.24 27.86 2.61
CA ASP B 152 4.40 27.43 1.83
C ASP B 152 4.95 26.12 2.36
N HIS B 153 5.02 25.97 3.67
CA HIS B 153 5.52 24.72 4.25
C HIS B 153 4.63 23.55 3.85
N ASN B 154 3.31 23.72 3.94
CA ASN B 154 2.41 22.63 3.58
C ASN B 154 2.51 22.28 2.09
N SER B 155 2.58 23.29 1.23
CA SER B 155 2.71 23.02 -0.20
C SER B 155 4.03 22.32 -0.49
N LEU B 156 5.11 22.74 0.17
CA LEU B 156 6.39 22.08 -0.02
C LEU B 156 6.33 20.62 0.43
N LEU B 157 5.67 20.36 1.55
CA LEU B 157 5.53 18.98 2.00
C LEU B 157 4.78 18.15 0.96
N ARG B 158 3.71 18.72 0.39
CA ARG B 158 2.97 17.98 -0.63
C ARG B 158 3.83 17.66 -1.84
N VAL B 159 4.57 18.65 -2.34
CA VAL B 159 5.40 18.42 -3.52
C VAL B 159 6.49 17.38 -3.22
N CYS B 160 7.13 17.51 -2.06
CA CYS B 160 8.20 16.59 -1.71
C CYS B 160 7.66 15.17 -1.56
N VAL B 161 6.46 15.01 -1.02
CA VAL B 161 5.90 13.68 -0.87
C VAL B 161 5.50 13.09 -2.21
N ARG B 162 5.02 13.92 -3.14
CA ARG B 162 4.76 13.42 -4.49
C ARG B 162 6.06 12.92 -5.12
N ILE B 163 7.14 13.68 -5.00
CA ILE B 163 8.42 13.25 -5.54
C ILE B 163 8.88 11.98 -4.84
N GLU B 164 8.65 11.87 -3.53
CA GLU B 164 9.06 10.69 -2.80
C GLU B 164 8.30 9.45 -3.26
N VAL B 165 7.00 9.58 -3.51
CA VAL B 165 6.23 8.45 -4.01
C VAL B 165 6.71 8.04 -5.41
N TRP B 166 6.99 9.02 -6.26
CA TRP B 166 7.50 8.69 -7.59
C TRP B 166 8.84 7.96 -7.46
N LYS B 167 9.71 8.42 -6.58
CA LYS B 167 11.00 7.73 -6.38
C LYS B 167 10.81 6.33 -5.83
N ALA B 168 9.83 6.13 -4.95
CA ALA B 168 9.55 4.79 -4.45
C ALA B 168 9.12 3.87 -5.59
N ARG B 169 8.22 4.35 -6.46
CA ARG B 169 7.83 3.56 -7.62
C ARG B 169 9.04 3.23 -8.48
N TYR B 170 9.89 4.24 -8.72
CA TYR B 170 11.05 4.05 -9.58
C TYR B 170 12.02 3.01 -8.99
N VAL B 171 12.25 3.08 -7.69
CA VAL B 171 13.13 2.12 -7.03
C VAL B 171 12.54 0.72 -7.11
N SER B 172 11.24 0.59 -6.85
CA SER B 172 10.62 -0.73 -6.81
C SER B 172 10.57 -1.40 -8.17
N LEU B 173 10.88 -0.68 -9.26
CA LEU B 173 10.90 -1.30 -10.57
C LEU B 173 12.00 -2.35 -10.71
N VAL B 174 12.98 -2.35 -9.81
CA VAL B 174 14.13 -3.25 -9.92
C VAL B 174 14.47 -3.89 -8.59
N ALA B 175 13.97 -3.34 -7.49
CA ALA B 175 14.32 -3.82 -6.16
C ALA B 175 13.07 -3.76 -5.28
N LEU B 176 12.38 -4.89 -5.16
CA LEU B 176 11.12 -4.92 -4.43
C LEU B 176 11.35 -4.85 -2.92
N ASP B 177 10.35 -4.33 -2.21
CA ASP B 177 10.44 -4.19 -0.77
C ASP B 177 10.51 -5.55 -0.09
N GLU B 178 11.20 -5.59 1.05
CA GLU B 178 11.28 -6.83 1.81
C GLU B 178 9.94 -7.19 2.44
N ARG B 179 9.04 -6.21 2.57
CA ARG B 179 7.75 -6.45 3.21
C ARG B 179 6.69 -6.96 2.24
N ILE B 180 6.96 -6.97 0.94
CA ILE B 180 5.98 -7.37 -0.06
C ILE B 180 6.20 -8.85 -0.35
N GLN B 181 5.33 -9.69 0.20
CA GLN B 181 5.38 -11.14 0.01
C GLN B 181 4.15 -11.70 -0.67
N THR B 182 2.97 -11.17 -0.36
CA THR B 182 1.71 -11.63 -0.94
C THR B 182 0.92 -10.43 -1.42
N LEU B 183 -0.22 -10.69 -2.07
CA LEU B 183 -1.06 -9.62 -2.57
C LEU B 183 -1.57 -8.74 -1.43
N GLU B 184 -1.82 -9.32 -0.26
CA GLU B 184 -2.24 -8.52 0.88
C GLU B 184 -1.17 -7.51 1.26
N ASP B 185 0.11 -7.91 1.20
CA ASP B 185 1.19 -6.98 1.49
C ASP B 185 1.40 -6.00 0.34
N ALA B 186 1.29 -6.47 -0.90
CA ALA B 186 1.50 -5.61 -2.06
C ALA B 186 0.37 -4.61 -2.26
N GLN B 187 -0.77 -4.80 -1.59
CA GLN B 187 -1.89 -3.89 -1.76
C GLN B 187 -1.68 -2.54 -1.09
N TRP B 188 -0.62 -2.38 -0.29
CA TRP B 188 -0.40 -1.15 0.46
C TRP B 188 0.89 -0.44 0.06
N PHE B 189 1.44 -0.76 -1.10
CA PHE B 189 2.60 -0.04 -1.60
C PHE B 189 2.18 1.38 -2.00
N PRO B 190 3.04 2.39 -1.79
CA PRO B 190 4.36 2.40 -1.14
C PRO B 190 4.29 2.43 0.38
N TYR B 191 5.34 1.93 1.03
CA TYR B 191 5.43 1.93 2.49
C TYR B 191 6.24 3.15 2.91
N LEU B 192 5.55 4.27 3.12
CA LEU B 192 6.20 5.52 3.49
C LEU B 192 5.79 5.95 4.89
N SER B 193 6.55 6.88 5.45
CA SER B 193 6.40 7.26 6.84
C SER B 193 5.05 7.93 7.08
N GLY B 194 4.81 8.29 8.34
CA GLY B 194 3.53 8.89 8.69
C GLY B 194 3.33 10.27 8.08
N ASP B 195 4.38 11.09 8.07
CA ASP B 195 4.27 12.41 7.47
C ASP B 195 3.99 12.33 5.99
N SER B 196 4.57 11.31 5.32
CA SER B 196 4.28 11.13 3.90
C SER B 196 2.80 10.86 3.67
N TYR B 197 2.18 10.02 4.52
CA TYR B 197 0.75 9.77 4.38
C TYR B 197 -0.05 11.02 4.71
N ARG B 198 0.38 11.77 5.72
CA ARG B 198 -0.33 13.00 6.08
C ARG B 198 -0.36 13.98 4.91
N ALA B 199 0.76 14.12 4.21
CA ALA B 199 0.83 15.08 3.12
C ALA B 199 -0.05 14.66 1.94
N CYS B 200 0.05 13.41 1.51
CA CYS B 200 -0.65 12.90 0.33
C CYS B 200 -1.34 11.58 0.67
N PRO B 201 -2.48 11.63 1.34
CA PRO B 201 -3.17 10.37 1.68
C PRO B 201 -3.64 9.58 0.47
N GLY B 202 -3.87 10.23 -0.68
CA GLY B 202 -4.36 9.52 -1.83
C GLY B 202 -3.31 8.75 -2.60
N LEU B 203 -2.03 9.05 -2.37
CA LEU B 203 -0.93 8.37 -3.05
C LEU B 203 -0.14 7.46 -2.13
N VAL B 204 0.12 7.89 -0.90
CA VAL B 204 0.96 7.15 0.02
C VAL B 204 0.17 5.99 0.62
N GLY B 205 0.86 4.88 0.84
CA GLY B 205 0.25 3.70 1.44
C GLY B 205 0.93 3.31 2.73
N GLY B 206 1.27 2.03 2.86
CA GLY B 206 2.04 1.58 4.01
C GLY B 206 1.21 1.23 5.21
N TYR B 207 1.75 1.49 6.41
CA TYR B 207 1.05 1.12 7.64
C TYR B 207 -0.13 2.03 7.90
N PHE B 208 0.03 3.34 7.66
CA PHE B 208 -1.04 4.28 7.99
C PHE B 208 -2.22 4.15 7.04
N ALA B 209 -1.96 3.88 5.76
CA ALA B 209 -3.07 3.64 4.83
C ALA B 209 -3.83 2.38 5.23
N LYS B 210 -3.11 1.34 5.63
CA LYS B 210 -3.77 0.13 6.13
C LYS B 210 -4.60 0.43 7.36
N LYS B 211 -4.06 1.24 8.28
CA LYS B 211 -4.78 1.60 9.49
C LYS B 211 -6.05 2.37 9.17
N ALA B 212 -5.97 3.32 8.24
CA ALA B 212 -7.13 4.12 7.90
C ALA B 212 -8.19 3.29 7.19
N ALA B 213 -7.79 2.51 6.18
CA ALA B 213 -8.75 1.69 5.46
C ALA B 213 -9.39 0.66 6.37
N ALA B 214 -8.60 0.02 7.22
CA ALA B 214 -9.11 -0.95 8.19
C ALA B 214 -9.56 -0.21 9.46
N GLY B 215 -10.58 0.61 9.28
CA GLY B 215 -11.10 1.41 10.38
C GLY B 215 -12.24 2.27 9.90
N GLU B 216 -12.74 3.10 10.83
CA GLU B 216 -13.82 4.01 10.48
C GLU B 216 -13.39 4.96 9.38
N ARG B 217 -14.25 5.14 8.39
CA ARG B 217 -13.99 6.02 7.26
C ARG B 217 -14.98 7.18 7.30
N GLY B 218 -14.47 8.40 7.38
CA GLY B 218 -15.31 9.58 7.37
C GLY B 218 -15.65 10.03 5.97
N LYS B 219 -16.32 11.18 5.89
CA LYS B 219 -16.64 11.75 4.59
C LYS B 219 -15.36 12.16 3.86
N ASN B 220 -14.40 12.72 4.57
CA ASN B 220 -13.12 13.12 3.99
C ASN B 220 -12.13 11.95 4.09
N TYR B 221 -12.42 10.91 3.31
CA TYR B 221 -11.59 9.72 3.23
C TYR B 221 -11.15 9.54 1.78
N LYS B 222 -9.85 9.37 1.58
CA LYS B 222 -9.27 9.24 0.24
C LYS B 222 -8.72 7.84 0.06
N LYS B 223 -9.06 7.22 -1.07
CA LYS B 223 -8.66 5.86 -1.38
C LYS B 223 -7.27 5.84 -1.98
N LEU B 224 -6.47 4.87 -1.57
CA LEU B 224 -5.10 4.74 -2.08
C LEU B 224 -5.13 4.45 -3.58
N ASN B 225 -4.47 5.30 -4.35
CA ASN B 225 -4.38 5.17 -5.81
C ASN B 225 -2.95 4.75 -6.14
N GLN B 226 -2.70 3.44 -6.18
CA GLN B 226 -1.36 2.96 -6.47
C GLN B 226 -0.91 3.35 -7.86
N THR B 227 -1.85 3.54 -8.79
CA THR B 227 -1.51 3.82 -10.19
C THR B 227 -1.83 5.27 -10.57
N ALA B 228 -1.97 6.16 -9.59
CA ALA B 228 -2.13 7.57 -9.90
C ALA B 228 -0.92 8.07 -10.68
N ILE B 229 -1.17 8.92 -11.68
CA ILE B 229 -0.10 9.38 -12.55
C ILE B 229 0.63 10.53 -11.88
N ILE B 230 1.91 10.34 -11.61
CA ILE B 230 2.79 11.35 -11.05
C ILE B 230 3.87 11.66 -12.08
N PRO B 231 3.98 12.87 -12.60
CA PRO B 231 5.01 13.15 -13.58
C PRO B 231 6.39 13.01 -12.97
N PRO B 232 7.41 12.74 -13.78
CA PRO B 232 8.76 12.67 -13.23
C PRO B 232 9.12 13.97 -12.55
N PRO B 233 9.95 13.92 -11.50
CA PRO B 233 10.27 15.16 -10.76
C PRO B 233 10.79 16.28 -11.65
N ARG B 234 11.61 15.95 -12.64
CA ARG B 234 12.11 16.99 -13.54
C ARG B 234 10.96 17.68 -14.28
N PHE B 235 9.81 17.02 -14.38
CA PHE B 235 8.61 17.65 -14.92
C PHE B 235 7.75 18.24 -13.81
N LEU B 236 7.70 17.58 -12.65
CA LEU B 236 6.84 18.06 -11.57
C LEU B 236 7.28 19.43 -11.08
N ILE B 237 8.60 19.65 -10.96
CA ILE B 237 9.09 20.91 -10.39
C ILE B 237 9.04 22.07 -11.36
N ILE B 238 8.52 21.88 -12.56
CA ILE B 238 8.33 22.96 -13.53
C ILE B 238 6.91 23.06 -14.02
N GLY B 239 5.99 22.26 -13.49
CA GLY B 239 4.59 22.35 -13.86
C GLY B 239 4.22 21.61 -15.12
N HIS B 240 5.18 21.01 -15.82
CA HIS B 240 4.87 20.25 -17.02
C HIS B 240 4.02 19.03 -16.66
N ARG B 241 2.97 18.80 -17.44
CA ARG B 241 2.07 17.68 -17.22
C ARG B 241 2.41 16.57 -18.19
N LEU B 242 2.62 15.37 -17.66
CA LEU B 242 2.97 14.22 -18.50
C LEU B 242 1.89 14.00 -19.55
N GLN B 243 2.31 13.82 -20.79
CA GLN B 243 1.39 13.68 -21.90
C GLN B 243 2.08 12.88 -23.00
N ILE B 244 1.45 12.85 -24.17
CA ILE B 244 1.96 12.07 -25.30
C ILE B 244 2.96 12.93 -26.07
N GLY B 245 4.13 12.36 -26.35
CA GLY B 245 5.11 13.00 -27.20
C GLY B 245 6.30 13.62 -26.50
N ASP B 246 6.46 13.40 -25.20
CA ASP B 246 7.59 13.97 -24.46
C ASP B 246 8.65 12.90 -24.24
N GLN B 247 9.92 13.31 -24.34
CA GLN B 247 11.02 12.37 -24.25
C GLN B 247 11.23 11.95 -22.80
N VAL B 248 11.10 10.65 -22.55
CA VAL B 248 11.31 10.05 -21.23
C VAL B 248 11.98 8.70 -21.41
N THR B 249 12.33 8.06 -20.30
CA THR B 249 12.90 6.73 -20.29
C THR B 249 11.86 5.72 -19.86
N LEU B 250 12.06 4.46 -20.24
CA LEU B 250 11.09 3.42 -19.91
C LEU B 250 10.85 3.34 -18.42
N ARG B 251 11.93 3.33 -17.64
CA ARG B 251 11.77 3.31 -16.18
C ARG B 251 11.04 4.55 -15.71
N GLU B 252 11.32 5.70 -16.32
CA GLU B 252 10.65 6.94 -15.94
C GLU B 252 9.13 6.82 -16.13
N LEU B 253 8.71 6.43 -17.33
CA LEU B 253 7.28 6.33 -17.60
C LEU B 253 6.62 5.27 -16.73
N LEU B 254 7.27 4.11 -16.58
CA LEU B 254 6.69 3.03 -15.79
C LEU B 254 6.52 3.45 -14.34
N ALA B 255 7.52 4.15 -13.78
CA ALA B 255 7.39 4.63 -12.42
C ALA B 255 6.37 5.75 -12.32
N SER B 256 6.14 6.48 -13.41
CA SER B 256 5.16 7.55 -13.39
C SER B 256 3.74 6.99 -13.37
N ILE B 257 3.45 5.98 -14.19
CA ILE B 257 2.08 5.47 -14.32
C ILE B 257 1.83 4.17 -13.58
N ALA B 258 2.87 3.50 -13.07
CA ALA B 258 2.70 2.23 -12.39
C ALA B 258 3.93 1.97 -11.53
N TRP B 259 4.06 0.75 -11.02
CA TRP B 259 5.22 0.37 -10.23
C TRP B 259 5.62 -1.06 -10.62
N GLY B 260 6.47 -1.67 -9.79
CA GLY B 260 7.12 -2.90 -10.20
C GLY B 260 6.16 -4.06 -10.43
N LEU B 261 5.23 -4.26 -9.51
CA LEU B 261 4.35 -5.43 -9.55
C LEU B 261 3.13 -5.23 -10.43
N CYS B 262 2.94 -4.06 -11.01
CA CYS B 262 1.86 -3.88 -11.98
C CYS B 262 2.16 -4.67 -13.24
N ASP B 263 1.09 -5.10 -13.92
CA ASP B 263 1.25 -5.92 -15.11
C ASP B 263 2.17 -5.25 -16.11
N GLY B 264 2.78 -6.08 -16.98
CA GLY B 264 3.78 -5.59 -17.91
C GLY B 264 3.25 -4.93 -19.16
N VAL B 265 1.95 -5.08 -19.45
CA VAL B 265 1.37 -4.48 -20.64
C VAL B 265 1.57 -2.98 -20.65
N LEU B 266 1.74 -2.36 -19.48
CA LEU B 266 1.95 -0.92 -19.41
C LEU B 266 3.18 -0.49 -20.18
N ALA B 267 4.14 -1.39 -20.40
CA ALA B 267 5.32 -1.03 -21.17
C ALA B 267 4.95 -0.60 -22.59
N GLU B 268 3.76 -0.97 -23.08
CA GLU B 268 3.33 -0.55 -24.40
C GLU B 268 3.04 0.95 -24.48
N CYS B 269 2.94 1.64 -23.34
CA CYS B 269 2.76 3.08 -23.37
C CYS B 269 3.98 3.82 -23.86
N TRP B 270 5.15 3.18 -23.81
CA TRP B 270 6.42 3.79 -24.22
C TRP B 270 6.82 3.27 -25.59
N SER B 271 7.71 4.01 -26.25
CA SER B 271 8.27 3.55 -27.52
C SER B 271 9.66 4.16 -27.71
N PRO B 272 10.69 3.34 -27.91
CA PRO B 272 12.04 3.90 -28.08
C PRO B 272 12.15 4.74 -29.34
N SER B 273 13.02 5.74 -29.29
CA SER B 273 13.24 6.64 -30.41
C SER B 273 14.34 6.07 -31.31
N GLN B 274 14.78 6.87 -32.29
CA GLN B 274 15.84 6.43 -33.18
C GLN B 274 17.13 6.19 -32.40
N GLY B 275 17.73 5.02 -32.60
CA GLY B 275 18.95 4.67 -31.91
C GLY B 275 18.76 4.26 -30.46
N ASP B 276 17.51 4.19 -29.98
CA ASP B 276 17.25 3.85 -28.59
C ASP B 276 18.01 4.81 -27.66
N GLY B 277 19.17 4.38 -27.17
CA GLY B 277 19.92 5.20 -26.24
C GLY B 277 19.27 5.39 -24.89
N SER B 278 18.32 4.54 -24.53
CA SER B 278 17.59 4.57 -23.28
C SER B 278 16.59 5.73 -23.21
N ILE B 279 16.43 6.50 -24.29
CA ILE B 279 15.49 7.61 -24.33
C ILE B 279 14.50 7.35 -25.47
N GLY B 280 13.21 7.36 -25.15
CA GLY B 280 12.17 7.12 -26.13
C GLY B 280 11.14 8.23 -26.09
N VAL B 281 9.87 7.84 -26.15
CA VAL B 281 8.77 8.79 -26.16
C VAL B 281 7.53 8.10 -25.64
N VAL B 282 6.67 8.85 -24.97
CA VAL B 282 5.40 8.34 -24.50
C VAL B 282 4.43 8.32 -25.68
N VAL B 283 3.88 7.15 -25.97
CA VAL B 283 2.93 6.98 -27.07
C VAL B 283 1.51 6.79 -26.55
N GLY B 284 1.32 6.77 -25.25
CA GLY B 284 -0.01 6.65 -24.67
C GLY B 284 0.05 6.69 -23.18
N LEU B 285 -1.14 6.71 -22.58
CA LEU B 285 -1.28 6.66 -21.14
C LEU B 285 -2.51 5.81 -20.83
N PRO B 286 -2.42 4.92 -19.85
CA PRO B 286 -3.55 4.02 -19.59
C PRO B 286 -4.76 4.78 -19.05
N LEU B 287 -5.93 4.25 -19.35
CA LEU B 287 -7.17 4.78 -18.79
C LEU B 287 -7.57 3.97 -17.56
N GLN B 288 -8.54 4.50 -16.81
CA GLN B 288 -9.07 3.84 -15.63
C GLN B 288 -7.95 3.60 -14.61
N ALA B 289 -7.14 4.64 -14.41
CA ALA B 289 -6.04 4.57 -13.47
C ALA B 289 -6.48 4.82 -12.03
N THR B 290 -7.57 5.54 -11.82
CA THR B 290 -8.01 5.87 -10.46
C THR B 290 -9.36 5.24 -10.14
N GLY B 291 -10.35 5.45 -10.99
CA GLY B 291 -11.69 4.95 -10.75
C GLY B 291 -11.96 3.61 -11.39
N SER B 292 -12.01 2.54 -10.59
CA SER B 292 -12.22 1.19 -11.08
C SER B 292 -13.07 0.42 -10.08
N CYS B 293 -14.34 0.20 -10.43
CA CYS B 293 -15.24 -0.61 -9.62
C CYS B 293 -16.01 -1.55 -10.54
N PHE B 294 -16.10 -2.81 -10.14
CA PHE B 294 -16.68 -3.86 -10.96
C PHE B 294 -17.77 -4.61 -10.20
N LEU B 295 -18.49 -3.91 -9.33
CA LEU B 295 -19.58 -4.49 -8.57
C LEU B 295 -20.91 -4.27 -9.29
N VAL B 296 -21.86 -5.16 -9.01
CA VAL B 296 -23.23 -4.99 -9.49
C VAL B 296 -24.17 -5.42 -8.37
N VAL B 297 -24.76 -4.45 -7.66
CA VAL B 297 -25.64 -4.77 -6.54
C VAL B 297 -26.92 -5.40 -7.06
N ALA B 298 -27.54 -6.22 -6.22
CA ALA B 298 -28.83 -6.82 -6.56
C ALA B 298 -29.88 -5.72 -6.65
N SER B 299 -30.71 -5.80 -7.68
CA SER B 299 -31.74 -4.79 -7.90
C SER B 299 -32.80 -5.34 -8.84
N HIS B 300 -34.05 -4.97 -8.58
CA HIS B 300 -35.17 -5.30 -9.47
C HIS B 300 -35.24 -6.80 -9.72
N GLY B 301 -34.99 -7.59 -8.67
CA GLY B 301 -35.05 -9.03 -8.76
C GLY B 301 -33.82 -9.70 -9.32
N LEU B 302 -32.76 -8.94 -9.61
CA LEU B 302 -31.51 -9.51 -10.10
C LEU B 302 -30.59 -9.83 -8.93
N SER B 303 -29.70 -10.79 -9.15
CA SER B 303 -28.75 -11.22 -8.12
C SER B 303 -27.49 -10.37 -8.19
N ALA B 304 -26.91 -10.11 -7.03
CA ALA B 304 -25.72 -9.27 -6.95
C ALA B 304 -24.50 -10.01 -7.48
N ILE B 305 -23.52 -9.24 -7.93
CA ILE B 305 -22.26 -9.77 -8.44
C ILE B 305 -21.13 -9.03 -7.74
N ALA B 306 -20.17 -9.78 -7.18
CA ALA B 306 -19.04 -9.19 -6.49
C ALA B 306 -17.91 -8.82 -7.44
N ASP B 307 -17.96 -9.26 -8.69
CA ASP B 307 -16.96 -8.89 -9.69
C ASP B 307 -17.50 -9.25 -11.06
N SER B 308 -17.56 -8.27 -11.96
CA SER B 308 -18.17 -8.51 -13.26
C SER B 308 -17.30 -9.41 -14.12
N ARG B 309 -15.98 -9.21 -14.11
CA ARG B 309 -15.11 -9.89 -15.04
C ARG B 309 -15.14 -11.40 -14.84
N ILE B 310 -14.93 -11.84 -13.60
CA ILE B 310 -14.77 -13.28 -13.34
C ILE B 310 -16.08 -14.02 -13.56
N GLU B 311 -17.21 -13.37 -13.35
CA GLU B 311 -18.50 -14.06 -13.35
C GLU B 311 -18.72 -14.83 -14.65
N GLY B 312 -18.83 -14.10 -15.76
CA GLY B 312 -18.98 -14.72 -17.07
C GLY B 312 -19.84 -15.97 -17.06
N THR B 313 -19.26 -17.07 -17.56
CA THR B 313 -19.91 -18.38 -17.54
C THR B 313 -19.10 -19.45 -16.84
N GLY B 314 -17.82 -19.21 -16.57
CA GLY B 314 -16.95 -20.22 -15.99
C GLY B 314 -15.55 -20.13 -16.58
N ASN B 315 -15.44 -19.51 -17.74
CA ASN B 315 -14.14 -19.26 -18.37
C ASN B 315 -13.42 -18.17 -17.60
N THR B 316 -12.49 -18.56 -16.74
CA THR B 316 -11.75 -17.63 -15.89
C THR B 316 -10.39 -17.28 -16.48
N ASN B 317 -10.29 -17.10 -17.79
CA ASN B 317 -9.02 -16.81 -18.43
C ASN B 317 -8.63 -15.37 -18.11
N LEU B 318 -7.75 -15.21 -17.12
CA LEU B 318 -7.32 -13.88 -16.70
C LEU B 318 -6.30 -13.27 -17.66
N LEU B 319 -5.75 -14.06 -18.58
CA LEU B 319 -4.79 -13.55 -19.55
C LEU B 319 -5.47 -12.97 -20.79
N GLU B 320 -6.80 -13.08 -20.91
CA GLU B 320 -7.53 -12.48 -22.01
C GLU B 320 -8.05 -11.09 -21.68
N GLU B 321 -7.80 -10.59 -20.47
CA GLU B 321 -8.18 -9.24 -20.12
C GLU B 321 -7.35 -8.23 -20.90
N CYS B 322 -7.88 -7.02 -21.04
CA CYS B 322 -7.24 -5.96 -21.79
C CYS B 322 -7.29 -4.67 -20.98
N ILE B 323 -6.35 -3.77 -21.30
CA ILE B 323 -6.32 -2.42 -20.72
C ILE B 323 -6.56 -1.42 -21.82
N ALA B 324 -7.07 -0.25 -21.46
CA ALA B 324 -7.37 0.81 -22.39
C ALA B 324 -6.24 1.83 -22.36
N ILE B 325 -5.66 2.10 -23.53
CA ILE B 325 -4.55 3.04 -23.67
C ILE B 325 -5.03 4.19 -24.53
N GLN B 326 -4.83 5.41 -24.04
CA GLN B 326 -5.27 6.62 -24.73
C GLN B 326 -4.12 7.11 -25.63
N LYS B 327 -4.14 6.70 -26.89
CA LYS B 327 -3.13 7.13 -27.84
C LYS B 327 -3.50 8.48 -28.43
N GLN B 328 -2.61 8.98 -29.31
CA GLN B 328 -2.89 10.25 -29.98
C GLN B 328 -4.12 10.16 -30.86
N ASP B 329 -4.38 8.98 -31.43
CA ASP B 329 -5.53 8.81 -32.31
C ASP B 329 -6.80 8.53 -31.52
N GLY B 330 -6.79 7.47 -30.71
CA GLY B 330 -7.96 7.13 -29.92
C GLY B 330 -7.65 5.98 -28.99
N VAL B 331 -8.63 5.69 -28.14
CA VAL B 331 -8.46 4.64 -27.12
C VAL B 331 -8.34 3.29 -27.82
N ILE B 332 -7.35 2.49 -27.42
CA ILE B 332 -7.14 1.17 -27.97
C ILE B 332 -7.06 0.17 -26.83
N LYS B 333 -7.57 -1.03 -27.07
CA LYS B 333 -7.54 -2.12 -26.09
C LYS B 333 -6.33 -3.00 -26.37
N CYS B 334 -5.48 -3.18 -25.36
CA CYS B 334 -4.26 -3.96 -25.47
C CYS B 334 -4.33 -5.12 -24.49
N LYS B 335 -4.05 -6.33 -24.99
CA LYS B 335 -4.12 -7.52 -24.17
C LYS B 335 -3.06 -7.50 -23.08
N ARG B 336 -3.40 -8.04 -21.91
CA ARG B 336 -2.46 -8.06 -20.80
C ARG B 336 -1.36 -9.08 -21.05
N SER B 337 -0.22 -8.87 -20.41
CA SER B 337 0.92 -9.76 -20.55
C SER B 337 0.94 -10.86 -19.51
N GLY B 338 0.48 -10.58 -18.29
CA GLY B 338 0.42 -11.57 -17.24
C GLY B 338 1.62 -11.60 -16.33
N LYS B 339 2.72 -10.94 -16.68
CA LYS B 339 3.94 -10.91 -15.89
C LYS B 339 4.16 -9.49 -15.37
N SER B 340 4.47 -9.38 -14.08
CA SER B 340 4.67 -8.07 -13.48
C SER B 340 5.77 -7.30 -14.21
N LEU B 341 5.77 -5.99 -14.02
CA LEU B 341 6.77 -5.14 -14.66
C LEU B 341 8.16 -5.46 -14.15
N TYR B 342 8.30 -5.73 -12.85
CA TYR B 342 9.59 -6.10 -12.30
C TYR B 342 10.14 -7.35 -12.98
N HIS B 343 9.31 -8.39 -13.05
CA HIS B 343 9.73 -9.65 -13.67
C HIS B 343 10.04 -9.46 -15.14
N CYS B 344 9.21 -8.70 -15.86
CA CYS B 344 9.44 -8.48 -17.27
C CYS B 344 10.74 -7.73 -17.51
N LEU B 345 11.02 -6.70 -16.70
CA LEU B 345 12.27 -5.97 -16.84
C LEU B 345 13.46 -6.87 -16.54
N LYS B 346 13.34 -7.71 -15.51
CA LYS B 346 14.42 -8.66 -15.22
C LYS B 346 14.67 -9.58 -16.40
N GLU B 347 13.60 -10.11 -17.01
CA GLU B 347 13.77 -11.07 -18.09
C GLU B 347 14.31 -10.40 -19.35
N THR B 348 13.94 -9.14 -19.59
CA THR B 348 14.37 -8.43 -20.79
C THR B 348 15.67 -7.66 -20.60
N ALA B 349 16.25 -7.69 -19.40
CA ALA B 349 17.49 -6.98 -19.13
C ALA B 349 18.60 -7.48 -20.05
N GLU C 34 45.57 -6.86 1.36
CA GLU C 34 45.54 -8.26 0.91
C GLU C 34 44.17 -8.87 1.16
N LEU C 35 43.69 -8.77 2.40
CA LEU C 35 42.40 -9.31 2.80
C LEU C 35 41.59 -8.24 3.51
N PRO C 36 40.26 -8.29 3.41
CA PRO C 36 39.44 -7.34 4.18
C PRO C 36 39.66 -7.49 5.67
N ARG C 37 39.03 -6.58 6.43
CA ARG C 37 39.16 -6.61 7.87
C ARG C 37 38.57 -7.88 8.47
N ASN C 38 37.40 -8.30 7.98
CA ASN C 38 36.71 -9.45 8.59
C ASN C 38 37.53 -10.73 8.42
N LEU C 39 37.99 -11.00 7.19
CA LEU C 39 38.76 -12.21 6.95
C LEU C 39 40.10 -12.19 7.71
N GLU C 40 40.77 -11.04 7.74
CA GLU C 40 42.01 -10.94 8.48
C GLU C 40 41.79 -11.20 9.96
N VAL C 41 40.71 -10.64 10.52
CA VAL C 41 40.40 -10.85 11.93
C VAL C 41 40.15 -12.33 12.20
N PHE C 42 39.35 -12.98 11.34
CA PHE C 42 39.05 -14.38 11.54
C PHE C 42 40.32 -15.23 11.47
N ASN C 43 41.17 -14.97 10.48
CA ASN C 43 42.40 -15.73 10.35
C ASN C 43 43.30 -15.54 11.57
N GLU C 44 43.45 -14.29 12.01
CA GLU C 44 44.29 -14.02 13.18
C GLU C 44 43.75 -14.73 14.41
N ALA C 45 42.44 -14.66 14.64
CA ALA C 45 41.85 -15.28 15.81
C ALA C 45 42.01 -16.79 15.79
N CYS C 46 41.75 -17.41 14.64
CA CYS C 46 41.88 -18.86 14.54
C CYS C 46 43.32 -19.29 14.73
N GLY C 47 44.27 -18.56 14.13
CA GLY C 47 45.67 -18.90 14.32
C GLY C 47 46.10 -18.76 15.77
N HIS C 48 45.66 -17.70 16.43
CA HIS C 48 46.02 -17.51 17.84
C HIS C 48 45.46 -18.62 18.70
N VAL C 49 44.18 -18.95 18.51
CA VAL C 49 43.54 -19.93 19.40
C VAL C 49 44.08 -21.33 19.15
N PHE C 50 44.20 -21.74 17.89
CA PHE C 50 44.49 -23.11 17.54
C PHE C 50 45.93 -23.33 17.09
N GLY C 51 46.73 -22.26 17.02
CA GLY C 51 48.12 -22.43 16.61
C GLY C 51 48.22 -23.08 15.24
N SER C 52 49.13 -24.04 15.13
CA SER C 52 49.36 -24.75 13.88
C SER C 52 48.40 -25.92 13.69
N SER C 53 47.59 -26.26 14.69
CA SER C 53 46.63 -27.34 14.56
C SER C 53 45.46 -26.98 13.64
N PHE C 54 45.34 -25.73 13.24
CA PHE C 54 44.22 -25.27 12.43
C PHE C 54 44.59 -25.43 10.95
N ASN C 55 43.89 -26.32 10.26
CA ASN C 55 44.10 -26.54 8.83
C ASN C 55 43.26 -25.56 8.03
N ARG C 56 43.88 -24.91 7.06
CA ARG C 56 43.25 -23.83 6.30
C ARG C 56 42.56 -24.32 5.04
N GLU C 57 42.69 -25.61 4.70
CA GLU C 57 42.14 -26.13 3.45
C GLU C 57 41.11 -27.24 3.68
N ASP C 58 40.65 -27.44 4.90
CA ASP C 58 39.64 -28.45 5.20
C ASP C 58 38.37 -27.73 5.64
N ASN C 59 37.27 -27.96 4.91
CA ASN C 59 36.02 -27.29 5.23
C ASN C 59 35.53 -27.68 6.62
N SER C 60 35.62 -28.96 6.98
CA SER C 60 35.14 -29.39 8.28
C SER C 60 35.96 -28.78 9.41
N VAL C 61 37.28 -28.71 9.25
CA VAL C 61 38.13 -28.13 10.28
C VAL C 61 37.79 -26.65 10.45
N ILE C 62 37.65 -25.93 9.34
CA ILE C 62 37.32 -24.50 9.42
C ILE C 62 35.96 -24.32 10.09
N SER C 63 34.98 -25.16 9.74
CA SER C 63 33.66 -25.03 10.34
C SER C 63 33.70 -25.31 11.84
N ASP C 64 34.46 -26.32 12.26
CA ASP C 64 34.57 -26.61 13.69
C ASP C 64 35.25 -25.45 14.42
N ALA C 65 36.32 -24.90 13.84
CA ALA C 65 36.98 -23.76 14.46
C ALA C 65 36.05 -22.55 14.54
N ALA C 66 35.29 -22.29 13.49
CA ALA C 66 34.35 -21.18 13.51
C ALA C 66 33.27 -21.38 14.56
N ALA C 67 32.77 -22.61 14.70
CA ALA C 67 31.77 -22.88 15.72
C ALA C 67 32.34 -22.66 17.12
N PHE C 68 33.58 -23.12 17.35
CA PHE C 68 34.20 -22.90 18.65
C PHE C 68 34.40 -21.42 18.94
N LEU C 69 34.85 -20.67 17.93
CA LEU C 69 35.04 -19.23 18.12
C LEU C 69 33.71 -18.53 18.38
N PHE C 70 32.65 -18.95 17.68
CA PHE C 70 31.33 -18.39 17.93
C PHE C 70 30.86 -18.68 19.35
N LYS C 71 31.11 -19.90 19.83
CA LYS C 71 30.79 -20.20 21.22
C LYS C 71 31.59 -19.32 22.17
N MET C 72 32.87 -19.12 21.89
CA MET C 72 33.71 -18.32 22.77
C MET C 72 33.26 -16.87 22.82
N HIS C 73 32.92 -16.29 21.67
CA HIS C 73 32.58 -14.88 21.59
C HIS C 73 31.16 -14.59 22.02
N THR C 74 30.34 -15.61 22.26
CA THR C 74 29.00 -15.44 22.78
C THR C 74 28.90 -15.84 24.25
N HIS C 75 30.03 -16.06 24.92
CA HIS C 75 30.06 -16.43 26.33
C HIS C 75 29.23 -17.68 26.59
N SER C 76 29.30 -18.64 25.67
CA SER C 76 28.61 -19.91 25.82
C SER C 76 29.51 -21.01 26.36
N LEU C 77 30.82 -20.82 26.35
CA LEU C 77 31.73 -21.83 26.86
C LEU C 77 31.69 -21.87 28.38
N ASP C 78 32.27 -22.93 28.94
CA ASP C 78 32.34 -23.07 30.39
C ASP C 78 33.32 -22.06 30.98
N GLY C 79 32.99 -21.56 32.16
CA GLY C 79 33.85 -20.61 32.84
C GLY C 79 33.70 -19.17 32.40
N GLN C 80 32.69 -18.86 31.61
CA GLN C 80 32.45 -17.50 31.13
C GLN C 80 31.25 -16.89 31.86
N GLU C 81 31.04 -15.60 31.60
CA GLU C 81 30.01 -14.86 32.31
C GLU C 81 28.64 -15.51 32.14
N ALA C 82 27.88 -15.55 33.23
CA ALA C 82 26.55 -16.13 33.21
C ALA C 82 25.53 -15.14 32.67
N LYS C 83 24.52 -15.67 32.00
CA LYS C 83 23.43 -14.86 31.45
C LYS C 83 22.28 -14.87 32.43
N VAL C 84 22.08 -13.75 33.13
CA VAL C 84 21.11 -13.68 34.22
C VAL C 84 20.23 -12.45 34.09
N LEU C 85 20.53 -11.57 33.13
CA LEU C 85 19.85 -10.29 33.02
C LEU C 85 18.34 -10.42 33.17
N ARG C 86 17.71 -11.17 32.27
CA ARG C 86 16.27 -11.42 32.33
C ARG C 86 15.97 -12.91 32.24
N ALA C 87 16.94 -13.74 32.63
CA ALA C 87 16.81 -15.18 32.51
C ALA C 87 15.81 -15.74 33.51
N SER C 88 15.10 -16.78 33.10
CA SER C 88 14.21 -17.51 33.99
C SER C 88 15.03 -18.37 34.94
N GLU C 89 14.37 -18.81 36.02
CA GLU C 89 15.08 -19.53 37.08
C GLU C 89 15.84 -20.73 36.54
N LYS C 90 15.23 -21.48 35.61
CA LYS C 90 15.94 -22.61 35.00
C LYS C 90 17.14 -22.13 34.21
N LYS C 91 16.96 -21.06 33.42
CA LYS C 91 18.10 -20.50 32.68
C LYS C 91 19.17 -19.99 33.64
N ARG C 92 18.76 -19.36 34.73
CA ARG C 92 19.73 -18.91 35.72
C ARG C 92 20.53 -20.07 36.28
N GLU C 93 19.85 -21.18 36.59
CA GLU C 93 20.55 -22.36 37.09
C GLU C 93 21.52 -22.90 36.06
N ARG C 94 21.09 -22.96 34.80
CA ARG C 94 21.97 -23.45 33.74
C ARG C 94 23.21 -22.59 33.62
N GLU C 95 23.04 -21.27 33.61
CA GLU C 95 24.19 -20.39 33.44
C GLU C 95 25.09 -20.43 34.67
N ASN C 96 24.52 -20.58 35.86
CA ASN C 96 25.34 -20.70 37.06
C ASN C 96 26.15 -21.98 37.03
N ALA C 97 25.55 -23.09 36.57
CA ALA C 97 26.30 -24.33 36.42
C ALA C 97 27.42 -24.16 35.40
N LYS C 98 27.13 -23.46 34.29
CA LYS C 98 28.17 -23.21 33.29
C LYS C 98 29.32 -22.42 33.90
N LYS C 99 29.00 -21.36 34.65
CA LYS C 99 30.03 -20.53 35.25
C LYS C 99 30.87 -21.32 36.26
N SER C 100 30.20 -22.10 37.10
CA SER C 100 30.92 -22.91 38.09
C SER C 100 31.78 -23.96 37.41
N ARG C 101 31.33 -24.48 36.26
CA ARG C 101 32.10 -25.49 35.55
C ARG C 101 33.46 -24.95 35.15
N LYS C 102 34.47 -25.80 35.23
CA LYS C 102 35.82 -25.38 34.86
C LYS C 102 35.90 -25.09 33.37
N ALA C 103 36.65 -24.05 33.02
CA ALA C 103 36.81 -23.67 31.63
C ALA C 103 37.70 -24.69 30.92
N PRO C 104 37.64 -24.74 29.59
CA PRO C 104 38.51 -25.66 28.85
C PRO C 104 39.97 -25.42 29.17
N GLU C 105 40.73 -26.51 29.25
CA GLU C 105 42.16 -26.44 29.53
C GLU C 105 42.96 -26.52 28.23
N ALA C 106 44.20 -26.06 28.31
CA ALA C 106 45.06 -26.02 27.14
C ALA C 106 45.26 -27.42 26.58
N GLY C 107 45.29 -27.52 25.25
CA GLY C 107 45.47 -28.78 24.57
C GLY C 107 44.21 -29.62 24.43
N MET C 108 43.07 -29.12 24.91
CA MET C 108 41.83 -29.88 24.79
C MET C 108 41.47 -30.07 23.33
N ARG C 109 41.08 -31.30 22.97
CA ARG C 109 40.65 -31.58 21.61
C ARG C 109 39.33 -30.90 21.32
N VAL C 110 39.20 -30.37 20.10
CA VAL C 110 37.96 -29.78 19.62
C VAL C 110 37.66 -30.41 18.27
N GLY C 111 36.42 -30.87 18.10
CA GLY C 111 36.06 -31.52 16.85
C GLY C 111 36.95 -32.73 16.61
N ARG C 112 37.53 -32.79 15.42
CA ARG C 112 38.39 -33.92 15.03
C ARG C 112 39.87 -33.58 15.15
N SER C 113 40.32 -32.52 14.48
CA SER C 113 41.74 -32.20 14.36
C SER C 113 42.00 -30.75 14.74
N LEU C 114 41.43 -30.30 15.86
CA LEU C 114 41.69 -28.98 16.40
C LEU C 114 42.13 -29.14 17.86
N ILE C 115 43.26 -28.52 18.19
CA ILE C 115 43.83 -28.61 19.54
C ILE C 115 44.01 -27.19 20.07
N LEU C 116 43.51 -26.95 21.28
CA LEU C 116 43.63 -25.63 21.88
C LEU C 116 45.07 -25.38 22.33
N THR C 117 45.57 -24.19 22.02
CA THR C 117 46.90 -23.79 22.44
C THR C 117 46.87 -23.27 23.88
N SER C 118 48.06 -23.15 24.47
CA SER C 118 48.15 -22.65 25.83
C SER C 118 47.83 -21.17 25.93
N ARG C 119 47.81 -20.45 24.82
CA ARG C 119 47.57 -19.02 24.80
C ARG C 119 46.12 -18.66 24.50
N TRP C 120 45.23 -19.66 24.36
CA TRP C 120 43.84 -19.37 24.07
C TRP C 120 43.20 -18.55 25.18
N THR C 121 43.64 -18.73 26.42
CA THR C 121 43.08 -17.96 27.53
C THR C 121 43.34 -16.47 27.34
N GLU C 122 44.56 -16.12 26.91
CA GLU C 122 44.88 -14.71 26.69
C GLU C 122 43.99 -14.11 25.61
N TYR C 123 43.81 -14.83 24.50
CA TYR C 123 42.94 -14.33 23.43
C TYR C 123 41.51 -14.18 23.92
N CYS C 124 41.02 -15.15 24.68
CA CYS C 124 39.65 -15.06 25.19
C CYS C 124 39.50 -13.87 26.11
N ALA C 125 40.51 -13.59 26.94
CA ALA C 125 40.43 -12.47 27.87
C ALA C 125 40.55 -11.13 27.16
N THR C 126 41.32 -11.07 26.07
CA THR C 126 41.61 -9.80 25.42
C THR C 126 40.59 -9.46 24.33
N CYS C 127 40.45 -10.33 23.33
CA CYS C 127 39.68 -10.01 22.14
C CYS C 127 38.17 -10.20 22.30
N VAL C 128 37.72 -10.82 23.39
CA VAL C 128 36.30 -11.09 23.60
C VAL C 128 35.73 -9.92 24.40
N PRO C 129 34.80 -9.14 23.84
CA PRO C 129 34.19 -8.07 24.64
C PRO C 129 33.46 -8.62 25.85
N ALA C 130 33.50 -7.86 26.94
CA ALA C 130 32.84 -8.28 28.16
C ALA C 130 31.33 -8.41 27.95
N LEU C 131 30.71 -9.28 28.74
CA LEU C 131 29.28 -9.54 28.58
C LEU C 131 28.48 -8.24 28.69
N GLY C 132 27.52 -8.08 27.80
CA GLY C 132 26.67 -6.91 27.80
C GLY C 132 27.22 -5.71 27.09
N SER C 133 28.43 -5.80 26.54
CA SER C 133 29.02 -4.66 25.84
C SER C 133 28.17 -4.29 24.63
N LYS C 134 27.96 -2.99 24.45
CA LYS C 134 27.20 -2.47 23.33
C LYS C 134 28.04 -1.45 22.59
N MET C 135 27.91 -1.43 21.25
CA MET C 135 28.73 -0.55 20.44
C MET C 135 28.53 0.91 20.82
N LYS C 136 27.31 1.28 21.24
CA LYS C 136 27.05 2.67 21.61
C LYS C 136 27.89 3.08 22.82
N VAL C 137 27.97 2.21 23.83
CA VAL C 137 28.77 2.53 25.01
C VAL C 137 30.24 2.65 24.66
N ILE C 138 30.73 1.74 23.81
CA ILE C 138 32.14 1.78 23.41
C ILE C 138 32.42 3.09 22.67
N LYS C 139 31.53 3.49 21.77
CA LYS C 139 31.71 4.74 21.05
C LYS C 139 31.69 5.93 22.01
N ALA C 140 30.78 5.91 22.98
CA ALA C 140 30.74 6.97 23.97
C ALA C 140 32.04 7.06 24.76
N SER C 141 32.64 5.91 25.04
CA SER C 141 33.93 5.90 25.76
C SER C 141 34.99 6.63 24.94
N GLY C 142 34.99 6.45 23.63
CA GLY C 142 35.94 7.12 22.77
C GLY C 142 37.27 6.41 22.60
N ASP C 143 37.41 5.19 23.12
CA ASP C 143 38.65 4.44 22.99
C ASP C 143 38.70 3.80 21.60
N ALA C 144 39.67 4.22 20.79
CA ALA C 144 39.80 3.67 19.44
C ALA C 144 40.10 2.18 19.49
N ALA C 145 40.95 1.76 20.42
CA ALA C 145 41.27 0.34 20.54
C ALA C 145 40.02 -0.48 20.85
N MET C 146 39.20 -0.01 21.78
CA MET C 146 37.98 -0.74 22.13
C MET C 146 36.99 -0.74 20.97
N ILE C 147 36.90 0.37 20.25
CA ILE C 147 36.00 0.44 19.09
C ILE C 147 36.43 -0.59 18.04
N GLN C 148 37.73 -0.65 17.76
CA GLN C 148 38.22 -1.63 16.80
C GLN C 148 38.01 -3.04 17.30
N MET C 149 38.17 -3.27 18.61
CA MET C 149 37.91 -4.59 19.16
C MET C 149 36.46 -5.00 18.94
N MET C 150 35.52 -4.09 19.21
CA MET C 150 34.11 -4.42 19.02
C MET C 150 33.78 -4.64 17.55
N LYS C 151 34.38 -3.84 16.66
CA LYS C 151 34.17 -4.04 15.23
C LYS C 151 34.70 -5.40 14.79
N ASP C 152 35.88 -5.78 15.28
CA ASP C 152 36.43 -7.09 14.96
C ASP C 152 35.53 -8.19 15.50
N HIS C 153 35.00 -8.01 16.71
CA HIS C 153 34.10 -9.01 17.28
C HIS C 153 32.84 -9.18 16.44
N ASN C 154 32.26 -8.07 15.99
CA ASN C 154 31.06 -8.15 15.16
C ASN C 154 31.36 -8.80 13.82
N SER C 155 32.47 -8.44 13.19
CA SER C 155 32.83 -9.08 11.93
C SER C 155 33.08 -10.57 12.11
N LEU C 156 33.73 -10.94 13.21
CA LEU C 156 33.98 -12.35 13.48
C LEU C 156 32.67 -13.10 13.70
N LEU C 157 31.72 -12.49 14.41
CA LEU C 157 30.42 -13.12 14.59
C LEU C 157 29.74 -13.33 13.25
N ARG C 158 29.78 -12.33 12.38
CA ARG C 158 29.15 -12.47 11.07
C ARG C 158 29.80 -13.57 10.26
N VAL C 159 31.13 -13.63 10.23
CA VAL C 159 31.83 -14.66 9.46
C VAL C 159 31.53 -16.04 10.03
N CYS C 160 31.56 -16.17 11.36
CA CYS C 160 31.30 -17.46 11.98
C CYS C 160 29.88 -17.91 11.70
N VAL C 161 28.92 -16.99 11.69
CA VAL C 161 27.54 -17.38 11.41
C VAL C 161 27.35 -17.73 9.95
N ARG C 162 28.05 -17.05 9.04
CA ARG C 162 28.02 -17.47 7.63
C ARG C 162 28.55 -18.89 7.48
N ILE C 163 29.67 -19.18 8.16
CA ILE C 163 30.23 -20.54 8.11
C ILE C 163 29.25 -21.53 8.74
N GLU C 164 28.56 -21.12 9.80
CA GLU C 164 27.58 -21.99 10.45
C GLU C 164 26.44 -22.31 9.50
N VAL C 165 25.93 -21.32 8.78
CA VAL C 165 24.85 -21.57 7.82
C VAL C 165 25.33 -22.48 6.71
N TRP C 166 26.54 -22.25 6.20
CA TRP C 166 27.07 -23.11 5.15
C TRP C 166 27.21 -24.55 5.64
N LYS C 167 27.69 -24.73 6.87
CA LYS C 167 27.81 -26.07 7.42
C LYS C 167 26.45 -26.71 7.66
N ALA C 168 25.45 -25.91 8.04
CA ALA C 168 24.10 -26.46 8.17
C ALA C 168 23.59 -26.98 6.84
N ARG C 169 23.79 -26.20 5.77
CA ARG C 169 23.41 -26.68 4.44
C ARG C 169 24.19 -27.94 4.08
N TYR C 170 25.49 -27.95 4.36
CA TYR C 170 26.33 -29.10 4.00
C TYR C 170 25.87 -30.36 4.71
N VAL C 171 25.55 -30.25 6.00
CA VAL C 171 25.04 -31.40 6.74
C VAL C 171 23.68 -31.82 6.19
N SER C 172 22.83 -30.84 5.85
CA SER C 172 21.48 -31.15 5.41
C SER C 172 21.46 -31.86 4.05
N LEU C 173 22.58 -31.90 3.34
CA LEU C 173 22.60 -32.59 2.06
C LEU C 173 22.56 -34.11 2.22
N VAL C 174 22.98 -34.62 3.37
CA VAL C 174 23.04 -36.07 3.59
C VAL C 174 22.44 -36.44 4.94
N ALA C 175 21.79 -35.49 5.61
CA ALA C 175 21.20 -35.77 6.92
C ALA C 175 19.94 -34.91 7.06
N LEU C 176 18.79 -35.52 6.76
CA LEU C 176 17.54 -34.79 6.88
C LEU C 176 17.26 -34.43 8.33
N ASP C 177 16.74 -33.23 8.55
CA ASP C 177 16.40 -32.78 9.88
C ASP C 177 15.03 -33.30 10.27
N GLU C 178 14.94 -33.91 11.46
CA GLU C 178 13.66 -34.43 11.91
C GLU C 178 12.64 -33.31 12.10
N ARG C 179 13.10 -32.10 12.37
CA ARG C 179 12.20 -30.97 12.60
C ARG C 179 11.50 -30.52 11.33
N ILE C 180 11.98 -30.94 10.16
CA ILE C 180 11.41 -30.53 8.89
C ILE C 180 10.52 -31.67 8.39
N GLN C 181 9.21 -31.48 8.46
CA GLN C 181 8.23 -32.47 8.04
C GLN C 181 7.33 -32.00 6.90
N THR C 182 7.01 -30.70 6.85
CA THR C 182 6.15 -30.14 5.82
C THR C 182 6.77 -28.86 5.31
N LEU C 183 6.27 -28.38 4.16
CA LEU C 183 6.83 -27.17 3.57
C LEU C 183 6.76 -26.00 4.54
N GLU C 184 5.79 -25.99 5.45
CA GLU C 184 5.74 -24.95 6.48
C GLU C 184 6.97 -25.03 7.39
N ASP C 185 7.39 -26.25 7.74
CA ASP C 185 8.60 -26.40 8.55
C ASP C 185 9.85 -26.14 7.72
N ALA C 186 9.88 -26.64 6.48
CA ALA C 186 11.04 -26.41 5.63
C ALA C 186 11.21 -24.95 5.26
N GLN C 187 10.17 -24.12 5.45
CA GLN C 187 10.25 -22.72 5.07
C GLN C 187 11.23 -21.94 5.94
N TRP C 188 11.65 -22.49 7.08
CA TRP C 188 12.46 -21.74 8.05
C TRP C 188 13.83 -22.37 8.27
N PHE C 189 14.34 -23.12 7.31
CA PHE C 189 15.69 -23.65 7.42
C PHE C 189 16.72 -22.57 7.13
N PRO C 190 17.85 -22.54 7.86
CA PRO C 190 18.29 -23.37 8.97
C PRO C 190 17.74 -22.93 10.33
N TYR C 191 17.65 -23.87 11.27
CA TYR C 191 17.18 -23.58 12.62
C TYR C 191 18.40 -23.36 13.51
N LEU C 192 18.83 -22.11 13.60
CA LEU C 192 19.99 -21.73 14.39
C LEU C 192 19.57 -20.84 15.55
N SER C 193 20.49 -20.72 16.52
CA SER C 193 20.19 -20.01 17.76
C SER C 193 19.95 -18.53 17.48
N GLY C 194 19.57 -17.80 18.53
CA GLY C 194 19.27 -16.38 18.38
C GLY C 194 20.49 -15.58 17.96
N ASP C 195 21.67 -15.96 18.44
CA ASP C 195 22.88 -15.25 18.07
C ASP C 195 23.10 -15.32 16.56
N SER C 196 22.88 -16.49 15.97
CA SER C 196 23.06 -16.65 14.54
C SER C 196 22.09 -15.75 13.76
N TYR C 197 20.83 -15.68 14.22
CA TYR C 197 19.88 -14.80 13.55
C TYR C 197 20.29 -13.34 13.68
N ARG C 198 20.75 -12.94 14.87
CA ARG C 198 21.17 -11.56 15.05
C ARG C 198 22.33 -11.21 14.13
N ALA C 199 23.30 -12.11 13.99
CA ALA C 199 24.47 -11.82 13.17
C ALA C 199 24.08 -11.70 11.70
N CYS C 200 23.34 -12.67 11.18
CA CYS C 200 22.97 -12.72 9.76
C CYS C 200 21.48 -12.96 9.63
N PRO C 201 20.66 -11.92 9.85
CA PRO C 201 19.20 -12.12 9.73
C PRO C 201 18.75 -12.56 8.37
N GLY C 202 19.43 -12.14 7.30
CA GLY C 202 19.03 -12.48 5.95
C GLY C 202 19.40 -13.87 5.50
N LEU C 203 20.18 -14.60 6.29
CA LEU C 203 20.60 -15.95 5.96
C LEU C 203 20.11 -17.00 6.95
N VAL C 204 19.93 -16.62 8.22
CA VAL C 204 19.61 -17.54 9.29
C VAL C 204 18.10 -17.53 9.51
N GLY C 205 17.52 -18.71 9.61
CA GLY C 205 16.10 -18.85 9.84
C GLY C 205 15.79 -19.44 11.20
N GLY C 206 14.76 -20.27 11.27
CA GLY C 206 14.42 -20.96 12.50
C GLY C 206 13.31 -20.29 13.28
N TYR C 207 13.34 -20.43 14.60
CA TYR C 207 12.29 -19.86 15.43
C TYR C 207 12.29 -18.34 15.37
N PHE C 208 13.47 -17.72 15.42
CA PHE C 208 13.54 -16.26 15.49
C PHE C 208 13.13 -15.63 14.17
N ALA C 209 13.48 -16.24 13.05
CA ALA C 209 13.01 -15.73 11.77
C ALA C 209 11.50 -15.83 11.67
N LYS C 210 10.93 -16.93 12.17
CA LYS C 210 9.48 -17.08 12.21
C LYS C 210 8.85 -15.97 13.04
N LYS C 211 9.43 -15.69 14.21
CA LYS C 211 8.91 -14.62 15.06
C LYS C 211 8.98 -13.28 14.36
N ALA C 212 10.11 -12.99 13.72
CA ALA C 212 10.27 -11.71 13.04
C ALA C 212 9.27 -11.55 11.90
N ALA C 213 9.09 -12.61 11.10
CA ALA C 213 8.14 -12.55 10.00
C ALA C 213 6.72 -12.37 10.51
N ALA C 214 6.35 -13.12 11.55
CA ALA C 214 5.01 -13.00 12.10
C ALA C 214 4.76 -11.61 12.69
N GLY C 215 5.76 -11.08 13.40
CA GLY C 215 5.61 -9.81 14.07
C GLY C 215 5.71 -8.62 13.14
N GLU C 216 5.81 -7.44 13.74
CA GLU C 216 5.89 -6.21 12.97
C GLU C 216 7.13 -6.20 12.09
N ARG C 217 6.99 -5.65 10.89
CA ARG C 217 8.09 -5.53 9.94
C ARG C 217 8.48 -4.06 9.82
N GLY C 218 9.71 -3.73 10.22
CA GLY C 218 10.23 -2.39 10.10
C GLY C 218 10.96 -2.19 8.79
N LYS C 219 11.66 -1.05 8.71
CA LYS C 219 12.48 -0.76 7.54
C LYS C 219 13.76 -1.55 7.51
N ASN C 220 14.18 -2.11 8.64
CA ASN C 220 15.37 -2.96 8.70
C ASN C 220 15.05 -4.43 8.60
N TYR C 221 13.79 -4.79 8.39
CA TYR C 221 13.41 -6.19 8.26
C TYR C 221 14.06 -6.80 7.02
N LYS C 222 14.62 -8.00 7.19
CA LYS C 222 15.27 -8.74 6.11
C LYS C 222 14.60 -10.10 5.99
N LYS C 223 14.28 -10.49 4.76
CA LYS C 223 13.63 -11.77 4.52
C LYS C 223 14.67 -12.88 4.38
N LEU C 224 14.28 -14.08 4.79
CA LEU C 224 15.19 -15.23 4.82
C LEU C 224 15.52 -15.65 3.40
N ASN C 225 16.75 -15.35 2.96
CA ASN C 225 17.24 -15.79 1.66
C ASN C 225 17.80 -17.20 1.83
N GLN C 226 16.93 -18.19 1.66
CA GLN C 226 17.30 -19.57 1.96
C GLN C 226 18.36 -20.11 1.01
N THR C 227 18.46 -19.57 -0.21
CA THR C 227 19.38 -20.07 -1.22
C THR C 227 20.40 -19.03 -1.64
N ALA C 228 20.73 -18.11 -0.73
CA ALA C 228 21.80 -17.16 -1.01
C ALA C 228 23.13 -17.90 -1.12
N ILE C 229 24.00 -17.39 -1.98
CA ILE C 229 25.27 -18.07 -2.27
C ILE C 229 26.27 -17.73 -1.16
N ILE C 230 26.82 -18.76 -0.54
CA ILE C 230 27.84 -18.64 0.49
C ILE C 230 29.03 -19.49 0.06
N PRO C 231 30.21 -18.91 -0.18
CA PRO C 231 31.36 -19.71 -0.62
C PRO C 231 31.77 -20.69 0.46
N PRO C 232 32.43 -21.79 0.09
CA PRO C 232 32.89 -22.73 1.10
C PRO C 232 33.82 -22.06 2.09
N PRO C 233 33.88 -22.53 3.32
CA PRO C 233 34.74 -21.87 4.31
C PRO C 233 36.19 -21.72 3.86
N ARG C 234 36.73 -22.72 3.16
CA ARG C 234 38.08 -22.58 2.63
C ARG C 234 38.18 -21.44 1.62
N PHE C 235 37.06 -21.03 1.03
CA PHE C 235 37.02 -19.87 0.14
C PHE C 235 36.65 -18.60 0.89
N LEU C 236 35.76 -18.70 1.86
CA LEU C 236 35.29 -17.51 2.57
C LEU C 236 36.43 -16.83 3.32
N ILE C 237 37.27 -17.62 4.00
CA ILE C 237 38.37 -17.04 4.75
C ILE C 237 39.39 -16.40 3.81
N ILE C 238 39.64 -17.03 2.67
CA ILE C 238 40.59 -16.47 1.71
C ILE C 238 40.01 -15.28 0.96
N GLY C 239 38.69 -15.14 0.96
CA GLY C 239 38.03 -14.04 0.27
C GLY C 239 37.79 -14.27 -1.20
N HIS C 240 38.12 -15.45 -1.74
CA HIS C 240 37.88 -15.75 -3.14
C HIS C 240 36.40 -16.00 -3.36
N ARG C 241 35.71 -15.02 -3.96
CA ARG C 241 34.28 -15.17 -4.21
C ARG C 241 34.03 -16.36 -5.13
N LEU C 242 33.03 -17.17 -4.79
CA LEU C 242 32.67 -18.30 -5.62
C LEU C 242 32.26 -17.83 -7.01
N GLN C 243 32.80 -18.49 -8.03
CA GLN C 243 32.53 -18.12 -9.41
C GLN C 243 32.72 -19.36 -10.28
N ILE C 244 32.78 -19.16 -11.59
CA ILE C 244 32.92 -20.27 -12.53
C ILE C 244 34.39 -20.65 -12.64
N GLY C 245 34.65 -21.96 -12.73
CA GLY C 245 35.98 -22.47 -12.93
C GLY C 245 36.67 -22.96 -11.67
N ASP C 246 36.09 -22.74 -10.50
CA ASP C 246 36.73 -23.15 -9.26
C ASP C 246 36.72 -24.66 -9.12
N GLN C 247 37.75 -25.19 -8.47
CA GLN C 247 37.86 -26.63 -8.21
C GLN C 247 37.18 -26.91 -6.86
N VAL C 248 35.96 -27.44 -6.92
CA VAL C 248 35.18 -27.71 -5.73
C VAL C 248 34.49 -29.07 -5.89
N THR C 249 34.07 -29.62 -4.75
CA THR C 249 33.33 -30.88 -4.74
C THR C 249 31.83 -30.62 -4.92
N LEU C 250 31.13 -31.64 -5.39
CA LEU C 250 29.70 -31.50 -5.65
C LEU C 250 28.95 -31.12 -4.37
N ARG C 251 29.23 -31.83 -3.28
CA ARG C 251 28.50 -31.57 -2.05
C ARG C 251 28.73 -30.15 -1.55
N GLU C 252 29.97 -29.68 -1.57
CA GLU C 252 30.27 -28.36 -1.04
C GLU C 252 29.68 -27.26 -1.94
N LEU C 253 29.75 -27.42 -3.25
CA LEU C 253 29.12 -26.46 -4.15
C LEU C 253 27.62 -26.40 -3.91
N LEU C 254 26.98 -27.58 -3.84
CA LEU C 254 25.53 -27.61 -3.65
C LEU C 254 25.14 -26.95 -2.33
N ALA C 255 25.91 -27.22 -1.27
CA ALA C 255 25.67 -26.51 -0.02
C ALA C 255 25.88 -25.02 -0.17
N SER C 256 26.81 -24.63 -1.06
CA SER C 256 27.04 -23.21 -1.29
C SER C 256 25.82 -22.54 -1.90
N ILE C 257 25.19 -23.20 -2.87
CA ILE C 257 24.11 -22.56 -3.63
C ILE C 257 22.72 -23.10 -3.30
N ALA C 258 22.62 -24.15 -2.49
CA ALA C 258 21.33 -24.75 -2.16
C ALA C 258 21.52 -25.62 -0.92
N TRP C 259 20.45 -26.32 -0.53
CA TRP C 259 20.51 -27.22 0.62
C TRP C 259 19.80 -28.52 0.25
N GLY C 260 19.53 -29.35 1.25
CA GLY C 260 19.11 -30.71 0.98
C GLY C 260 17.84 -30.80 0.16
N LEU C 261 16.82 -30.04 0.53
CA LEU C 261 15.50 -30.17 -0.07
C LEU C 261 15.29 -29.26 -1.27
N CYS C 262 16.31 -28.54 -1.71
CA CYS C 262 16.18 -27.77 -2.94
C CYS C 262 16.18 -28.69 -4.15
N ASP C 263 15.57 -28.22 -5.23
CA ASP C 263 15.42 -29.02 -6.44
C ASP C 263 16.76 -29.62 -6.88
N GLY C 264 16.71 -30.75 -7.59
CA GLY C 264 17.93 -31.42 -8.01
C GLY C 264 18.58 -30.85 -9.24
N VAL C 265 17.87 -30.00 -9.99
CA VAL C 265 18.43 -29.43 -11.21
C VAL C 265 19.68 -28.61 -10.91
N LEU C 266 19.81 -28.11 -9.67
CA LEU C 266 21.00 -27.35 -9.31
C LEU C 266 22.27 -28.18 -9.47
N ALA C 267 22.16 -29.50 -9.46
CA ALA C 267 23.33 -30.35 -9.68
C ALA C 267 23.96 -30.10 -11.05
N GLU C 268 23.22 -29.48 -11.96
CA GLU C 268 23.76 -29.12 -13.26
C GLU C 268 24.84 -28.04 -13.18
N CYS C 269 24.98 -27.38 -12.03
CA CYS C 269 26.01 -26.37 -11.84
C CYS C 269 27.38 -26.97 -11.53
N TRP C 270 27.56 -28.26 -11.79
CA TRP C 270 28.80 -28.96 -11.50
C TRP C 270 29.14 -29.86 -12.67
N SER C 271 30.37 -30.37 -12.67
CA SER C 271 30.80 -31.30 -13.70
C SER C 271 32.03 -32.06 -13.23
N PRO C 272 32.04 -33.39 -13.29
CA PRO C 272 33.23 -34.14 -12.86
C PRO C 272 34.46 -33.75 -13.68
N SER C 273 35.60 -33.71 -13.01
CA SER C 273 36.86 -33.38 -13.65
C SER C 273 37.42 -34.60 -14.38
N GLN C 274 38.54 -34.41 -15.07
CA GLN C 274 39.16 -35.50 -15.80
C GLN C 274 39.47 -36.67 -14.87
N GLY C 275 39.18 -37.87 -15.33
CA GLY C 275 39.42 -39.05 -14.52
C GLY C 275 38.49 -39.20 -13.33
N ASP C 276 37.32 -38.56 -13.37
CA ASP C 276 36.36 -38.63 -12.28
C ASP C 276 36.98 -38.06 -11.00
N GLY C 277 37.52 -38.93 -10.15
CA GLY C 277 38.07 -38.47 -8.88
C GLY C 277 36.98 -38.08 -7.92
N SER C 278 37.25 -37.04 -7.13
CA SER C 278 36.29 -36.53 -6.15
C SER C 278 36.03 -35.04 -6.26
N ILE C 279 36.93 -34.27 -6.86
CA ILE C 279 36.79 -32.83 -7.00
C ILE C 279 36.58 -32.51 -8.47
N GLY C 280 35.54 -31.73 -8.76
CA GLY C 280 35.25 -31.32 -10.12
C GLY C 280 35.43 -29.83 -10.33
N VAL C 281 34.67 -29.25 -11.25
CA VAL C 281 34.76 -27.83 -11.57
C VAL C 281 33.35 -27.26 -11.64
N VAL C 282 33.26 -25.95 -11.45
CA VAL C 282 31.99 -25.23 -11.53
C VAL C 282 31.79 -24.80 -12.97
N VAL C 283 30.67 -25.21 -13.56
CA VAL C 283 30.34 -24.83 -14.93
C VAL C 283 29.36 -23.67 -15.00
N GLY C 284 28.69 -23.35 -13.89
CA GLY C 284 27.75 -22.25 -13.89
C GLY C 284 27.20 -22.05 -12.50
N LEU C 285 26.30 -21.07 -12.39
CA LEU C 285 25.63 -20.77 -11.14
C LEU C 285 24.16 -20.48 -11.40
N PRO C 286 23.28 -20.83 -10.46
CA PRO C 286 21.86 -20.50 -10.64
C PRO C 286 21.60 -19.01 -10.56
N LEU C 287 20.52 -18.59 -11.20
CA LEU C 287 20.07 -17.20 -11.15
C LEU C 287 18.82 -17.09 -10.28
N GLN C 288 18.42 -15.85 -10.02
CA GLN C 288 17.28 -15.56 -9.15
C GLN C 288 17.49 -16.18 -7.77
N ALA C 289 18.73 -16.05 -7.26
CA ALA C 289 19.06 -16.65 -5.97
C ALA C 289 18.21 -16.07 -4.85
N THR C 290 18.04 -14.75 -4.84
CA THR C 290 17.27 -14.09 -3.77
C THR C 290 16.06 -13.35 -4.32
N GLY C 291 16.26 -12.53 -5.35
CA GLY C 291 15.17 -11.77 -5.94
C GLY C 291 14.19 -12.65 -6.69
N SER C 292 12.97 -12.79 -6.19
CA SER C 292 11.96 -13.65 -6.80
C SER C 292 10.59 -13.27 -6.24
N CYS C 293 9.83 -12.49 -7.01
CA CYS C 293 8.45 -12.16 -6.68
C CYS C 293 7.59 -12.43 -7.90
N PHE C 294 6.48 -13.14 -7.69
CA PHE C 294 5.63 -13.60 -8.80
C PHE C 294 4.20 -13.09 -8.67
N LEU C 295 3.99 -12.00 -7.93
CA LEU C 295 2.68 -11.38 -7.83
C LEU C 295 2.48 -10.40 -8.97
N VAL C 296 1.21 -10.20 -9.34
CA VAL C 296 0.84 -9.17 -10.29
C VAL C 296 -0.41 -8.47 -9.77
N VAL C 297 -0.23 -7.35 -9.08
CA VAL C 297 -1.37 -6.72 -8.41
C VAL C 297 -2.37 -6.22 -9.43
N ALA C 298 -3.59 -5.98 -8.97
CA ALA C 298 -4.66 -5.49 -9.82
C ALA C 298 -4.40 -4.02 -10.16
N SER C 299 -4.51 -3.69 -11.45
CA SER C 299 -4.19 -2.34 -11.89
C SER C 299 -4.88 -2.09 -13.23
N HIS C 300 -5.42 -0.87 -13.39
CA HIS C 300 -5.99 -0.44 -14.66
C HIS C 300 -7.07 -1.40 -15.15
N GLY C 301 -7.94 -1.81 -14.24
CA GLY C 301 -9.04 -2.69 -14.59
C GLY C 301 -8.69 -4.16 -14.69
N LEU C 302 -7.46 -4.53 -14.37
CA LEU C 302 -7.05 -5.92 -14.40
C LEU C 302 -7.22 -6.57 -13.04
N SER C 303 -7.27 -7.90 -13.03
CA SER C 303 -7.46 -8.68 -11.82
C SER C 303 -6.11 -9.16 -11.27
N ALA C 304 -5.97 -9.11 -9.96
CA ALA C 304 -4.72 -9.48 -9.32
C ALA C 304 -4.44 -10.97 -9.50
N ILE C 305 -3.16 -11.32 -9.44
CA ILE C 305 -2.70 -12.69 -9.53
C ILE C 305 -1.86 -12.99 -8.30
N ALA C 306 -2.10 -14.16 -7.69
CA ALA C 306 -1.34 -14.57 -6.53
C ALA C 306 -0.01 -15.22 -6.90
N ASP C 307 0.13 -15.73 -8.12
CA ASP C 307 1.38 -16.32 -8.58
C ASP C 307 1.33 -16.40 -10.09
N SER C 308 2.32 -15.81 -10.76
CA SER C 308 2.32 -15.80 -12.23
C SER C 308 2.47 -17.20 -12.79
N ARG C 309 3.30 -18.04 -12.16
CA ARG C 309 3.59 -19.36 -12.70
C ARG C 309 2.34 -20.22 -12.76
N ILE C 310 1.75 -20.52 -11.59
CA ILE C 310 0.66 -21.47 -11.54
C ILE C 310 -0.59 -20.97 -12.26
N GLU C 311 -0.73 -19.66 -12.45
CA GLU C 311 -1.95 -19.12 -13.05
C GLU C 311 -2.22 -19.79 -14.39
N GLY C 312 -1.37 -19.52 -15.39
CA GLY C 312 -1.48 -20.14 -16.68
C GLY C 312 -2.90 -20.24 -17.19
N THR C 313 -3.39 -21.46 -17.41
CA THR C 313 -4.75 -21.69 -17.83
C THR C 313 -5.44 -22.81 -17.05
N GLY C 314 -4.71 -23.56 -16.24
CA GLY C 314 -5.29 -24.68 -15.50
C GLY C 314 -4.34 -25.84 -15.41
N ASN C 315 -3.33 -25.88 -16.29
CA ASN C 315 -2.30 -26.92 -16.27
C ASN C 315 -1.24 -26.51 -15.26
N THR C 316 -1.26 -27.17 -14.10
CA THR C 316 -0.33 -26.87 -13.02
C THR C 316 0.90 -27.77 -13.03
N ASN C 317 1.30 -28.24 -14.21
CA ASN C 317 2.44 -29.13 -14.32
C ASN C 317 3.71 -28.40 -13.91
N LEU C 318 4.23 -28.72 -12.72
CA LEU C 318 5.44 -28.07 -12.23
C LEU C 318 6.71 -28.68 -12.80
N LEU C 319 6.62 -29.87 -13.40
CA LEU C 319 7.81 -30.50 -13.97
C LEU C 319 8.29 -29.78 -15.23
N GLU C 320 7.48 -28.92 -15.81
CA GLU C 320 7.84 -28.20 -17.03
C GLU C 320 8.57 -26.88 -16.75
N GLU C 321 8.71 -26.50 -15.49
CA GLU C 321 9.41 -25.27 -15.15
C GLU C 321 10.91 -25.43 -15.42
N CYS C 322 11.58 -24.30 -15.56
CA CYS C 322 13.01 -24.27 -15.87
C CYS C 322 13.71 -23.25 -14.98
N ILE C 323 15.01 -23.49 -14.76
CA ILE C 323 15.85 -22.56 -14.02
C ILE C 323 16.95 -22.06 -14.94
N ALA C 324 17.27 -20.77 -14.83
CA ALA C 324 18.25 -20.13 -15.68
C ALA C 324 19.62 -20.24 -15.02
N ILE C 325 20.49 -21.09 -15.55
CA ILE C 325 21.85 -21.26 -15.08
C ILE C 325 22.74 -20.37 -15.94
N GLN C 326 23.52 -19.52 -15.29
CA GLN C 326 24.47 -18.66 -15.99
C GLN C 326 25.83 -19.34 -16.02
N LYS C 327 26.37 -19.52 -17.22
CA LYS C 327 27.66 -20.17 -17.44
C LYS C 327 28.59 -19.21 -18.17
N GLN C 328 29.79 -19.70 -18.50
CA GLN C 328 30.74 -18.88 -19.22
C GLN C 328 30.20 -18.46 -20.58
N ASP C 329 29.60 -19.40 -21.31
CA ASP C 329 29.08 -19.10 -22.64
C ASP C 329 27.87 -18.17 -22.55
N GLY C 330 26.98 -18.41 -21.60
CA GLY C 330 25.79 -17.60 -21.46
C GLY C 330 24.83 -18.21 -20.47
N VAL C 331 23.57 -17.80 -20.59
CA VAL C 331 22.50 -18.26 -19.72
C VAL C 331 21.69 -19.31 -20.45
N ILE C 332 21.44 -20.44 -19.80
CA ILE C 332 20.71 -21.56 -20.38
C ILE C 332 19.60 -21.97 -19.42
N LYS C 333 18.42 -22.26 -19.97
CA LYS C 333 17.28 -22.71 -19.16
C LYS C 333 17.30 -24.23 -19.11
N CYS C 334 17.39 -24.77 -17.90
CA CYS C 334 17.42 -26.21 -17.66
C CYS C 334 16.14 -26.64 -16.99
N LYS C 335 15.53 -27.71 -17.50
CA LYS C 335 14.28 -28.21 -16.94
C LYS C 335 14.50 -28.76 -15.54
N ARG C 336 13.54 -28.49 -14.67
CA ARG C 336 13.63 -28.97 -13.29
C ARG C 336 13.50 -30.48 -13.23
N SER C 337 14.31 -31.10 -12.37
CA SER C 337 14.28 -32.55 -12.20
C SER C 337 13.07 -33.01 -11.40
N GLY C 338 12.54 -32.17 -10.51
CA GLY C 338 11.38 -32.54 -9.71
C GLY C 338 11.68 -33.40 -8.51
N LYS C 339 12.95 -33.62 -8.17
CA LYS C 339 13.33 -34.43 -7.03
C LYS C 339 14.31 -33.66 -6.16
N SER C 340 14.21 -33.86 -4.85
CA SER C 340 15.03 -33.10 -3.92
C SER C 340 16.51 -33.39 -4.15
N LEU C 341 17.35 -32.44 -3.73
CA LEU C 341 18.79 -32.65 -3.82
C LEU C 341 19.21 -33.82 -2.94
N TYR C 342 18.61 -33.96 -1.77
CA TYR C 342 18.92 -35.09 -0.90
C TYR C 342 18.64 -36.41 -1.61
N HIS C 343 17.49 -36.50 -2.27
CA HIS C 343 17.14 -37.74 -2.95
C HIS C 343 18.04 -38.01 -4.14
N CYS C 344 18.39 -36.95 -4.89
CA CYS C 344 19.31 -37.14 -6.00
C CYS C 344 20.66 -37.65 -5.52
N LEU C 345 21.18 -37.06 -4.44
CA LEU C 345 22.47 -37.51 -3.91
C LEU C 345 22.37 -38.94 -3.39
N LYS C 346 21.27 -39.28 -2.73
CA LYS C 346 21.12 -40.64 -2.22
C LYS C 346 21.05 -41.65 -3.37
N GLU C 347 20.32 -41.32 -4.44
CA GLU C 347 20.20 -42.23 -5.57
C GLU C 347 21.52 -42.37 -6.31
N THR C 348 22.26 -41.28 -6.47
CA THR C 348 23.53 -41.35 -7.19
C THR C 348 24.61 -42.03 -6.36
N ALA C 349 24.42 -42.16 -5.05
CA ALA C 349 25.35 -42.86 -4.18
C ALA C 349 25.05 -44.35 -4.07
N GLY C 350 23.97 -44.82 -4.69
CA GLY C 350 23.62 -46.23 -4.64
C GLY C 350 23.93 -46.96 -5.93
N SER D 292 12.17 -41.08 5.28
CA SER D 292 12.76 -40.03 4.46
C SER D 292 11.75 -38.92 4.20
N CYS D 293 12.21 -37.87 3.53
CA CYS D 293 11.37 -36.71 3.20
C CYS D 293 11.43 -36.47 1.70
N PHE D 294 10.26 -36.31 1.08
CA PHE D 294 10.16 -36.12 -0.36
C PHE D 294 9.81 -34.68 -0.74
N LEU D 295 9.86 -33.75 0.21
CA LEU D 295 9.58 -32.36 -0.10
C LEU D 295 10.63 -31.80 -1.04
N VAL D 296 10.22 -30.84 -1.86
CA VAL D 296 11.12 -30.08 -2.72
C VAL D 296 10.71 -28.63 -2.60
N VAL D 297 11.39 -27.88 -1.73
CA VAL D 297 10.99 -26.50 -1.49
C VAL D 297 11.20 -25.67 -2.75
N ALA D 298 10.51 -24.53 -2.79
CA ALA D 298 10.63 -23.63 -3.93
C ALA D 298 11.97 -22.91 -3.88
N SER D 299 12.68 -22.90 -5.00
CA SER D 299 14.01 -22.30 -5.07
C SER D 299 14.27 -21.82 -6.49
N HIS D 300 14.89 -20.65 -6.60
CA HIS D 300 15.31 -20.10 -7.89
C HIS D 300 14.14 -20.03 -8.87
N GLY D 301 12.99 -19.58 -8.38
CA GLY D 301 11.83 -19.40 -9.22
C GLY D 301 11.00 -20.63 -9.46
N LEU D 302 11.42 -21.78 -8.95
CA LEU D 302 10.63 -23.00 -9.12
C LEU D 302 9.52 -23.06 -8.09
N SER D 303 8.50 -23.85 -8.40
CA SER D 303 7.35 -24.01 -7.51
C SER D 303 7.59 -25.15 -6.53
N ALA D 304 7.19 -24.94 -5.28
CA ALA D 304 7.37 -25.95 -4.25
C ALA D 304 6.52 -27.18 -4.56
N ILE D 305 6.98 -28.33 -4.06
CA ILE D 305 6.29 -29.60 -4.22
C ILE D 305 6.02 -30.17 -2.84
N ALA D 306 4.79 -30.60 -2.61
CA ALA D 306 4.44 -31.23 -1.35
C ALA D 306 4.95 -32.66 -1.27
N ASP D 307 5.07 -33.34 -2.40
CA ASP D 307 5.58 -34.70 -2.44
C ASP D 307 5.98 -35.02 -3.88
N SER D 308 7.25 -35.38 -4.08
CA SER D 308 7.75 -35.62 -5.43
C SER D 308 7.01 -36.76 -6.10
N ARG D 309 6.71 -37.83 -5.36
CA ARG D 309 6.09 -39.00 -5.96
C ARG D 309 4.69 -38.68 -6.48
N ILE D 310 3.87 -38.02 -5.67
CA ILE D 310 2.48 -37.80 -6.01
C ILE D 310 2.33 -36.90 -7.24
N GLU D 311 3.31 -36.04 -7.51
CA GLU D 311 3.20 -35.12 -8.63
C GLU D 311 2.99 -35.90 -9.93
N GLY D 312 2.07 -35.42 -10.76
CA GLY D 312 1.75 -36.08 -12.02
C GLY D 312 0.29 -35.92 -12.39
#